data_8VXL
#
_entry.id   8VXL
#
_cell.length_a   118.319
_cell.length_b   118.319
_cell.length_c   75.197
_cell.angle_alpha   90.00
_cell.angle_beta   90.00
_cell.angle_gamma   90.00
#
_symmetry.space_group_name_H-M   'P 41'
#
loop_
_entity.id
_entity.type
_entity.pdbx_description
1 polymer 'HTH-type transcriptional regulatory protein GabR'
2 non-polymer GLYCEROL
3 non-polymer '(4S)-4-[(E)-({3-hydroxy-2-methyl-5-[(E)-2-(1H-tetrazol-5-yl)ethenyl]pyridin-4-yl}methylidene)amino]-5-phenoxypentanoic acid'
4 non-polymer LYSINE
5 non-polymer 'PHOSPHATE ION'
6 water water
#
_entity_poly.entity_id   1
_entity_poly.type   'polypeptide(L)'
_entity_poly.pdbx_seq_one_letter_code
;MIDQSDWISFSHMSSDTDHFPIKSWFRCEQKAASRSYRTLGDMSHPQGIYEVRAAITRLISLTRGVKCRPEQMIIGAGTQ
VLMQLLTELLPKEAVYAMEEPGYRRMYQLLKNAGKQVKTIMLDEKGMSIAEITRQQPDVLVTTPSHQFPSGTIMPVSRRI
QLLNWAAEEPRRYIIEDDYDSEFTYDVDSIPALQSLDRFQNVIYMGTFSKSLLPGLRISYMVLPPELLRAYKQRGYDLQT
CSSLTQLTLQEFIESGEYQKHIKKMKQHYKEKRERLITALEAEFSGEVTVKGANAGLHFVTEFDTRRTEQDILSHAAGLQ
LEIFGMSRFNLKENKRQTGRPALIIGFARLKEEDIQEGVQRLFKAVYGHKKIPVTGDHHHHHH
;
_entity_poly.pdbx_strand_id   A,B
#
loop_
_chem_comp.id
_chem_comp.type
_chem_comp.name
_chem_comp.formula
A1AEJ non-polymer '(4S)-4-[(E)-({3-hydroxy-2-methyl-5-[(E)-2-(1H-tetrazol-5-yl)ethenyl]pyridin-4-yl}methylidene)amino]-5-phenoxypentanoic acid' 'C21 H22 N6 O4'
GOL non-polymer GLYCEROL 'C3 H8 O3'
PO4 non-polymer 'PHOSPHATE ION' 'O4 P -3'
#
# COMPACT_ATOMS: atom_id res chain seq x y z
N SER A 5 -14.76 24.78 -12.66
CA SER A 5 -15.58 23.89 -13.46
C SER A 5 -17.06 23.98 -13.09
N ASP A 6 -17.93 23.69 -14.05
CA ASP A 6 -19.37 23.60 -13.82
C ASP A 6 -19.85 22.16 -13.85
N TRP A 7 -19.00 21.22 -13.47
CA TRP A 7 -19.43 19.83 -13.39
C TRP A 7 -20.35 19.64 -12.18
N ILE A 8 -21.28 18.70 -12.33
CA ILE A 8 -22.12 18.22 -11.25
C ILE A 8 -21.94 16.71 -11.18
N SER A 9 -21.72 16.20 -9.96
CA SER A 9 -21.35 14.80 -9.76
C SER A 9 -22.53 14.04 -9.18
N PHE A 10 -23.02 13.05 -9.91
CA PHE A 10 -23.81 11.97 -9.33
C PHE A 10 -22.94 10.73 -9.14
N SER A 11 -21.63 10.92 -9.04
CA SER A 11 -20.69 9.81 -8.90
C SER A 11 -20.84 9.12 -7.55
N HIS A 12 -20.79 7.80 -7.58
CA HIS A 12 -20.73 6.97 -6.39
C HIS A 12 -19.31 6.76 -5.86
N MET A 13 -18.28 6.98 -6.69
CA MET A 13 -16.91 6.70 -6.29
C MET A 13 -16.12 7.94 -5.87
N SER A 14 -16.75 9.11 -5.88
CA SER A 14 -16.19 10.29 -5.24
C SER A 14 -16.77 10.41 -3.83
N SER A 15 -16.05 11.11 -2.97
CA SER A 15 -16.56 11.34 -1.63
C SER A 15 -16.65 12.83 -1.35
N ASP A 16 -17.45 13.17 -0.35
CA ASP A 16 -17.57 14.54 0.09
C ASP A 16 -16.22 15.06 0.57
N THR A 17 -15.90 16.29 0.18
CA THR A 17 -14.76 16.99 0.74
C THR A 17 -15.15 18.29 1.43
N ASP A 18 -16.33 18.82 1.15
CA ASP A 18 -16.75 20.05 1.79
C ASP A 18 -17.13 19.82 3.23
N HIS A 19 -17.63 18.64 3.57
CA HIS A 19 -18.10 18.39 4.93
C HIS A 19 -17.15 17.52 5.75
N PHE A 20 -16.08 17.00 5.17
CA PHE A 20 -15.09 16.29 5.99
C PHE A 20 -14.30 17.29 6.81
N PRO A 21 -14.30 17.19 8.12
CA PRO A 21 -13.54 18.14 8.94
C PRO A 21 -12.03 18.00 8.79
N ILE A 22 -11.46 18.49 7.68
CA ILE A 22 -10.04 18.25 7.43
C ILE A 22 -9.15 18.94 8.46
N LYS A 23 -9.61 20.06 9.04
CA LYS A 23 -8.79 20.69 10.08
C LYS A 23 -8.70 19.80 11.32
N SER A 24 -9.79 19.15 11.70
CA SER A 24 -9.74 18.21 12.82
C SER A 24 -8.76 17.09 12.51
N TRP A 25 -8.92 16.48 11.32
CA TRP A 25 -8.02 15.41 10.92
C TRP A 25 -6.57 15.85 11.07
N PHE A 26 -6.22 17.06 10.58
CA PHE A 26 -4.84 17.51 10.67
C PHE A 26 -4.43 17.77 12.12
N ARG A 27 -5.36 18.27 12.94
CA ARG A 27 -5.06 18.47 14.35
C ARG A 27 -4.78 17.14 15.03
N CYS A 28 -5.54 16.09 14.67
CA CYS A 28 -5.26 14.78 15.23
C CYS A 28 -3.89 14.30 14.80
N GLU A 29 -3.52 14.54 13.54
CA GLU A 29 -2.22 14.13 13.05
C GLU A 29 -1.12 14.85 13.82
N GLN A 30 -1.29 16.15 14.06
CA GLN A 30 -0.30 16.87 14.86
C GLN A 30 -0.23 16.31 16.27
N LYS A 31 -1.38 15.95 16.84
CA LYS A 31 -1.35 15.43 18.21
C LYS A 31 -0.69 14.06 18.25
N ALA A 32 -1.03 13.17 17.32
CA ALA A 32 -0.33 11.89 17.22
C ALA A 32 1.15 12.10 17.03
N ALA A 33 1.53 12.96 16.08
CA ALA A 33 2.93 13.18 15.80
C ALA A 33 3.68 13.66 17.04
N SER A 34 3.09 14.61 17.77
CA SER A 34 3.72 15.09 19.00
C SER A 34 3.80 13.98 20.05
N ARG A 35 2.81 13.10 20.10
CA ARG A 35 2.84 12.05 21.11
C ARG A 35 3.89 10.99 20.80
N SER A 36 4.18 10.74 19.51
CA SER A 36 4.94 9.54 19.19
C SER A 36 6.06 9.78 18.18
N TYR A 37 6.59 11.01 18.08
CA TYR A 37 7.58 11.25 17.04
C TYR A 37 8.83 10.40 17.23
N ARG A 38 9.32 10.29 18.48
CA ARG A 38 10.52 9.51 18.70
C ARG A 38 10.40 8.11 18.12
N THR A 39 9.21 7.52 18.21
CA THR A 39 8.98 6.12 17.89
C THR A 39 8.39 5.92 16.50
N LEU A 40 8.30 6.98 15.70
CA LEU A 40 7.61 6.87 14.41
C LEU A 40 8.23 5.80 13.53
N GLY A 41 9.57 5.73 13.50
CA GLY A 41 10.27 4.72 12.72
C GLY A 41 10.40 3.41 13.45
N ASP A 42 9.60 3.22 14.49
CA ASP A 42 9.62 2.01 15.33
C ASP A 42 8.31 1.25 15.36
N MET A 43 7.16 1.94 15.27
CA MET A 43 5.83 1.30 15.36
C MET A 43 5.42 0.78 13.98
N SER A 44 5.93 -0.39 13.64
CA SER A 44 5.77 -0.89 12.28
C SER A 44 5.22 -2.31 12.25
N HIS A 45 4.58 -2.76 13.34
CA HIS A 45 3.98 -4.08 13.40
C HIS A 45 3.28 -4.41 12.09
N PRO A 46 3.60 -5.53 11.45
CA PRO A 46 3.01 -5.82 10.12
C PRO A 46 1.48 -5.78 10.08
N GLN A 47 0.79 -6.13 11.18
CA GLN A 47 -0.66 -6.12 11.20
C GLN A 47 -1.26 -4.72 11.36
N GLY A 48 -0.44 -3.75 11.70
CA GLY A 48 -0.91 -2.45 12.15
C GLY A 48 -0.56 -2.25 13.63
N ILE A 49 -0.33 -1.00 14.00
CA ILE A 49 0.00 -0.70 15.38
C ILE A 49 -1.10 -1.27 16.26
N TYR A 50 -0.70 -1.99 17.31
CA TYR A 50 -1.71 -2.63 18.16
C TYR A 50 -2.80 -1.64 18.61
N GLU A 51 -2.41 -0.49 19.17
CA GLU A 51 -3.43 0.40 19.74
C GLU A 51 -4.39 0.90 18.68
N VAL A 52 -3.91 1.07 17.43
CA VAL A 52 -4.80 1.42 16.33
C VAL A 52 -5.80 0.29 16.08
N ARG A 53 -5.30 -0.94 16.06
CA ARG A 53 -6.19 -2.09 15.91
C ARG A 53 -7.20 -2.16 17.04
N ALA A 54 -6.76 -1.93 18.29
CA ALA A 54 -7.70 -1.98 19.40
C ALA A 54 -8.76 -0.90 19.26
N ALA A 55 -8.34 0.29 18.84
CA ALA A 55 -9.29 1.38 18.65
C ALA A 55 -10.33 1.04 17.60
N ILE A 56 -9.92 0.42 16.48
CA ILE A 56 -10.88 0.04 15.45
C ILE A 56 -11.77 -1.09 15.95
N THR A 57 -11.17 -2.04 16.66
CA THR A 57 -11.94 -3.15 17.25
C THR A 57 -13.07 -2.61 18.10
N ARG A 58 -12.75 -1.72 19.06
CA ARG A 58 -13.80 -1.17 19.91
C ARG A 58 -14.88 -0.50 19.07
N LEU A 59 -14.46 0.28 18.06
CA LEU A 59 -15.41 1.02 17.22
C LEU A 59 -16.37 0.07 16.49
N ILE A 60 -15.84 -0.92 15.77
CA ILE A 60 -16.74 -1.74 15.00
C ILE A 60 -17.56 -2.69 15.88
N SER A 61 -17.09 -3.05 17.08
CA SER A 61 -17.98 -3.74 18.02
C SER A 61 -19.18 -2.87 18.37
N LEU A 62 -18.95 -1.59 18.61
CA LEU A 62 -20.04 -0.70 18.99
C LEU A 62 -21.04 -0.52 17.86
N THR A 63 -20.55 -0.16 16.68
CA THR A 63 -21.39 0.30 15.59
C THR A 63 -21.83 -0.80 14.65
N ARG A 64 -21.25 -1.99 14.74
CA ARG A 64 -21.62 -3.06 13.84
C ARG A 64 -21.83 -4.39 14.53
N GLY A 65 -21.58 -4.48 15.84
CA GLY A 65 -21.68 -5.74 16.54
C GLY A 65 -20.59 -6.73 16.20
N VAL A 66 -19.55 -6.31 15.49
CA VAL A 66 -18.47 -7.23 15.19
C VAL A 66 -17.77 -7.55 16.48
N LYS A 67 -17.51 -8.84 16.73
CA LYS A 67 -16.83 -9.29 17.94
C LYS A 67 -15.51 -9.91 17.51
N CYS A 68 -14.42 -9.41 18.07
CA CYS A 68 -13.12 -9.91 17.70
C CYS A 68 -12.08 -9.28 18.62
N ARG A 69 -10.90 -9.92 18.68
CA ARG A 69 -9.75 -9.39 19.37
C ARG A 69 -8.84 -8.63 18.41
N PRO A 70 -8.23 -7.55 18.90
CA PRO A 70 -7.34 -6.75 18.04
C PRO A 70 -6.31 -7.62 17.33
N GLU A 71 -5.90 -8.74 17.94
CA GLU A 71 -4.90 -9.59 17.30
C GLU A 71 -5.39 -10.19 16.00
N GLN A 72 -6.70 -10.28 15.81
CA GLN A 72 -7.22 -10.85 14.58
C GLN A 72 -7.22 -9.87 13.43
N MET A 73 -6.91 -8.61 13.71
CA MET A 73 -7.13 -7.59 12.72
C MET A 73 -5.85 -7.34 11.94
N ILE A 74 -6.03 -7.02 10.65
CA ILE A 74 -4.95 -6.69 9.75
C ILE A 74 -5.34 -5.40 9.05
N ILE A 75 -4.55 -4.35 9.26
CA ILE A 75 -4.76 -3.05 8.62
C ILE A 75 -4.01 -3.03 7.28
N GLY A 76 -4.51 -2.25 6.33
CA GLY A 76 -3.90 -2.20 5.02
C GLY A 76 -4.30 -0.95 4.27
N ALA A 77 -3.46 -0.56 3.32
CA ALA A 77 -3.74 0.62 2.49
C ALA A 77 -4.72 0.21 1.39
N GLY A 78 -5.98 0.14 1.75
CA GLY A 78 -6.96 -0.21 0.74
C GLY A 78 -7.40 -1.65 0.79
N THR A 79 -8.63 -1.88 0.36
CA THR A 79 -9.24 -3.21 0.31
C THR A 79 -8.54 -4.15 -0.67
N GLN A 80 -7.88 -3.65 -1.72
CA GLN A 80 -7.23 -4.55 -2.68
C GLN A 80 -6.06 -5.30 -2.06
N VAL A 81 -5.18 -4.60 -1.32
CA VAL A 81 -4.04 -5.31 -0.75
C VAL A 81 -4.50 -6.33 0.27
N LEU A 82 -5.57 -6.02 1.00
CA LEU A 82 -6.05 -6.97 1.98
C LEU A 82 -6.67 -8.18 1.29
N MET A 83 -7.48 -7.95 0.25
CA MET A 83 -8.06 -9.03 -0.56
C MET A 83 -6.98 -9.93 -1.16
N GLN A 84 -5.96 -9.33 -1.80
CA GLN A 84 -4.89 -10.14 -2.38
C GLN A 84 -4.26 -11.01 -1.31
N LEU A 85 -3.97 -10.42 -0.15
CA LEU A 85 -3.41 -11.18 0.96
C LEU A 85 -4.35 -12.30 1.37
N LEU A 86 -5.64 -11.99 1.44
CA LEU A 86 -6.64 -13.00 1.80
C LEU A 86 -6.59 -14.20 0.87
N THR A 87 -6.51 -13.95 -0.45
CA THR A 87 -6.51 -15.07 -1.39
C THR A 87 -5.31 -15.98 -1.18
N GLU A 88 -4.26 -15.50 -0.52
CA GLU A 88 -3.11 -16.33 -0.24
C GLU A 88 -3.19 -17.02 1.10
N LEU A 89 -4.03 -16.52 2.03
CA LEU A 89 -4.29 -17.28 3.25
C LEU A 89 -5.34 -18.36 3.05
N LEU A 90 -6.32 -18.12 2.18
CA LEU A 90 -7.33 -19.12 1.86
C LEU A 90 -6.71 -20.25 1.05
N PRO A 91 -7.29 -21.45 1.08
CA PRO A 91 -6.77 -22.54 0.26
C PRO A 91 -6.53 -22.09 -1.18
N LYS A 92 -5.44 -22.57 -1.78
CA LYS A 92 -5.10 -22.08 -3.11
C LYS A 92 -6.12 -22.53 -4.16
N GLU A 93 -6.74 -23.69 -3.99
CA GLU A 93 -7.73 -24.18 -4.94
C GLU A 93 -9.18 -23.79 -4.57
N ALA A 94 -9.35 -22.76 -3.74
CA ALA A 94 -10.70 -22.31 -3.37
C ALA A 94 -11.43 -21.80 -4.61
N VAL A 95 -12.68 -22.22 -4.76
CA VAL A 95 -13.56 -21.65 -5.77
C VAL A 95 -14.27 -20.45 -5.15
N TYR A 96 -14.12 -19.28 -5.76
CA TYR A 96 -14.72 -18.07 -5.22
C TYR A 96 -16.07 -17.85 -5.88
N ALA A 97 -16.90 -17.03 -5.22
CA ALA A 97 -18.22 -16.68 -5.75
C ALA A 97 -18.54 -15.25 -5.37
N MET A 98 -18.99 -14.48 -6.37
CA MET A 98 -19.14 -13.03 -6.31
C MET A 98 -20.57 -12.68 -6.73
N GLU A 99 -21.09 -11.60 -6.16
CA GLU A 99 -22.40 -11.11 -6.55
C GLU A 99 -22.37 -10.53 -7.97
N GLU A 100 -23.37 -10.88 -8.77
CA GLU A 100 -23.56 -10.29 -10.12
C GLU A 100 -24.90 -9.56 -10.20
N PRO A 101 -24.90 -8.26 -10.44
CA PRO A 101 -23.75 -7.37 -10.58
C PRO A 101 -22.94 -7.24 -9.29
N GLY A 102 -21.69 -6.83 -9.39
CA GLY A 102 -20.86 -6.63 -8.22
C GLY A 102 -19.65 -5.79 -8.53
N TYR A 103 -18.63 -5.98 -7.70
CA TYR A 103 -17.39 -5.20 -7.73
C TYR A 103 -16.46 -5.84 -8.77
N ARG A 104 -16.52 -5.37 -10.02
CA ARG A 104 -15.76 -6.00 -11.10
C ARG A 104 -14.25 -6.00 -10.80
N ARG A 105 -13.72 -4.88 -10.27
CA ARG A 105 -12.31 -4.82 -9.91
C ARG A 105 -11.89 -6.07 -9.14
N MET A 106 -12.63 -6.42 -8.08
CA MET A 106 -12.30 -7.60 -7.31
C MET A 106 -12.48 -8.86 -8.14
N TYR A 107 -13.55 -8.90 -8.95
CA TYR A 107 -13.66 -9.99 -9.90
C TYR A 107 -12.36 -10.14 -10.69
N GLN A 108 -11.85 -9.04 -11.23
CA GLN A 108 -10.66 -9.13 -12.07
C GLN A 108 -9.46 -9.58 -11.25
N LEU A 109 -9.34 -9.09 -10.02
CA LEU A 109 -8.26 -9.54 -9.16
C LEU A 109 -8.28 -11.07 -9.03
N LEU A 110 -9.46 -11.65 -8.72
CA LEU A 110 -9.49 -13.09 -8.51
C LEU A 110 -9.22 -13.85 -9.81
N LYS A 111 -9.75 -13.34 -10.93
CA LYS A 111 -9.47 -14.01 -12.20
C LYS A 111 -7.99 -13.94 -12.50
N ASN A 112 -7.38 -12.77 -12.31
CA ASN A 112 -5.98 -12.64 -12.67
C ASN A 112 -5.10 -13.55 -11.84
N ALA A 113 -5.50 -13.86 -10.61
CA ALA A 113 -4.83 -14.84 -9.77
C ALA A 113 -5.07 -16.27 -10.22
N GLY A 114 -5.77 -16.46 -11.35
CA GLY A 114 -6.10 -17.82 -11.75
C GLY A 114 -7.10 -18.55 -10.89
N LYS A 115 -7.92 -17.84 -10.11
CA LYS A 115 -8.94 -18.49 -9.32
C LYS A 115 -10.20 -18.74 -10.16
N GLN A 116 -10.88 -19.85 -9.87
CA GLN A 116 -12.23 -20.01 -10.38
C GLN A 116 -13.18 -19.08 -9.62
N VAL A 117 -13.96 -18.32 -10.34
CA VAL A 117 -14.87 -17.35 -9.75
C VAL A 117 -16.24 -17.53 -10.39
N LYS A 118 -17.19 -18.04 -9.62
CA LYS A 118 -18.57 -18.15 -10.04
C LYS A 118 -19.29 -16.82 -9.77
N THR A 119 -20.29 -16.55 -10.58
CA THR A 119 -21.06 -15.32 -10.52
C THR A 119 -22.45 -15.68 -10.00
N ILE A 120 -22.84 -15.07 -8.88
CA ILE A 120 -24.07 -15.39 -8.18
C ILE A 120 -24.98 -14.19 -8.40
N MET A 121 -26.08 -14.43 -9.11
CA MET A 121 -27.06 -13.40 -9.33
C MET A 121 -27.78 -13.07 -8.03
N LEU A 122 -28.45 -11.93 -8.05
CA LEU A 122 -29.21 -11.42 -6.92
C LEU A 122 -30.69 -11.74 -7.06
N ASP A 123 -31.37 -11.80 -5.93
CA ASP A 123 -32.82 -11.67 -5.91
C ASP A 123 -33.18 -10.58 -4.92
N GLU A 124 -34.47 -10.46 -4.60
CA GLU A 124 -34.92 -9.36 -3.77
C GLU A 124 -34.27 -9.33 -2.39
N LYS A 125 -33.68 -10.43 -1.94
CA LYS A 125 -33.00 -10.46 -0.65
C LYS A 125 -31.47 -10.43 -0.77
N GLY A 126 -30.95 -10.15 -1.97
CA GLY A 126 -29.52 -10.10 -2.18
C GLY A 126 -28.97 -11.34 -2.83
N MET A 127 -27.69 -11.63 -2.56
CA MET A 127 -26.99 -12.77 -3.15
C MET A 127 -27.82 -14.04 -3.02
N SER A 128 -28.05 -14.70 -4.15
CA SER A 128 -28.92 -15.87 -4.22
C SER A 128 -28.31 -17.09 -3.52
N ILE A 129 -28.96 -17.56 -2.46
CA ILE A 129 -28.50 -18.78 -1.79
C ILE A 129 -28.81 -20.01 -2.62
N ALA A 130 -29.76 -19.91 -3.56
CA ALA A 130 -30.05 -21.02 -4.46
C ALA A 130 -28.90 -21.21 -5.47
N GLU A 131 -28.46 -20.10 -6.07
CA GLU A 131 -27.33 -20.19 -6.96
C GLU A 131 -26.07 -20.61 -6.20
N ILE A 132 -25.88 -20.10 -4.97
CA ILE A 132 -24.76 -20.55 -4.15
C ILE A 132 -24.81 -22.06 -3.98
N THR A 133 -25.95 -22.58 -3.51
CA THR A 133 -26.04 -24.00 -3.23
C THR A 133 -25.83 -24.80 -4.50
N ARG A 134 -26.38 -24.33 -5.61
CA ARG A 134 -26.26 -25.07 -6.86
C ARG A 134 -24.81 -25.10 -7.32
N GLN A 135 -24.13 -23.97 -7.29
CA GLN A 135 -22.80 -23.89 -7.87
C GLN A 135 -21.69 -24.33 -6.92
N GLN A 136 -21.98 -24.48 -5.64
CA GLN A 136 -21.06 -25.10 -4.68
C GLN A 136 -19.66 -24.46 -4.65
N PRO A 137 -19.57 -23.14 -4.43
CA PRO A 137 -18.25 -22.52 -4.25
C PRO A 137 -17.69 -22.78 -2.87
N ASP A 138 -16.45 -22.38 -2.59
CA ASP A 138 -15.90 -22.48 -1.22
C ASP A 138 -15.92 -21.15 -0.49
N VAL A 139 -15.81 -20.04 -1.22
CA VAL A 139 -15.66 -18.70 -0.65
C VAL A 139 -16.66 -17.74 -1.29
N LEU A 140 -17.45 -17.07 -0.46
CA LEU A 140 -18.37 -16.04 -0.90
C LEU A 140 -17.76 -14.65 -0.67
N VAL A 141 -17.99 -13.75 -1.62
CA VAL A 141 -17.77 -12.32 -1.43
C VAL A 141 -19.13 -11.65 -1.49
N THR A 142 -19.54 -11.00 -0.40
CA THR A 142 -20.88 -10.45 -0.33
C THR A 142 -20.85 -9.09 0.33
N THR A 143 -21.84 -8.24 0.00
CA THR A 143 -21.97 -6.88 0.52
C THR A 143 -23.33 -6.75 1.19
N PRO A 144 -23.45 -7.18 2.45
CA PRO A 144 -24.78 -7.36 3.06
C PRO A 144 -25.46 -6.05 3.47
N SER A 145 -24.66 -5.03 3.84
CA SER A 145 -25.21 -3.75 4.29
C SER A 145 -25.95 -3.03 3.17
N HIS A 146 -25.38 -3.02 1.97
CA HIS A 146 -25.95 -2.27 0.87
C HIS A 146 -25.30 -2.85 -0.37
N GLN A 147 -25.98 -3.78 -1.03
CA GLN A 147 -25.33 -4.55 -2.08
C GLN A 147 -24.74 -3.61 -3.10
N PHE A 148 -23.51 -3.89 -3.53
CA PHE A 148 -22.83 -3.02 -4.47
C PHE A 148 -22.82 -3.64 -5.85
N PRO A 149 -23.56 -3.08 -6.84
CA PRO A 149 -24.24 -1.79 -6.87
C PRO A 149 -25.75 -1.77 -6.61
N SER A 150 -26.46 -2.90 -6.53
CA SER A 150 -27.92 -2.84 -6.62
C SER A 150 -28.58 -2.16 -5.42
N GLY A 151 -27.87 -2.05 -4.30
CA GLY A 151 -28.40 -1.37 -3.13
C GLY A 151 -29.23 -2.22 -2.21
N THR A 152 -29.49 -3.48 -2.57
CA THR A 152 -30.32 -4.34 -1.75
C THR A 152 -29.69 -4.59 -0.37
N ILE A 153 -30.50 -4.51 0.66
CA ILE A 153 -30.04 -4.82 2.00
C ILE A 153 -30.36 -6.29 2.26
N MET A 154 -29.34 -7.10 2.51
CA MET A 154 -29.59 -8.49 2.84
C MET A 154 -30.38 -8.59 4.14
N PRO A 155 -31.64 -9.03 4.08
CA PRO A 155 -32.39 -9.28 5.32
C PRO A 155 -31.72 -10.36 6.16
N VAL A 156 -32.11 -10.40 7.44
CA VAL A 156 -31.48 -11.32 8.38
C VAL A 156 -31.67 -12.76 7.93
N SER A 157 -32.86 -13.08 7.40
CA SER A 157 -33.11 -14.44 6.96
C SER A 157 -32.08 -14.91 5.94
N ARG A 158 -31.67 -14.01 5.03
CA ARG A 158 -30.73 -14.42 3.99
C ARG A 158 -29.33 -14.56 4.57
N ARG A 159 -28.97 -13.68 5.50
CA ARG A 159 -27.71 -13.83 6.23
C ARG A 159 -27.64 -15.19 6.88
N ILE A 160 -28.73 -15.58 7.56
CA ILE A 160 -28.72 -16.84 8.27
C ILE A 160 -28.57 -18.00 7.31
N GLN A 161 -29.20 -17.90 6.13
CA GLN A 161 -29.04 -18.92 5.09
C GLN A 161 -27.58 -19.05 4.67
N LEU A 162 -26.91 -17.92 4.43
CA LEU A 162 -25.50 -17.98 4.03
C LEU A 162 -24.65 -18.59 5.12
N LEU A 163 -24.91 -18.24 6.38
CA LEU A 163 -24.11 -18.77 7.49
C LEU A 163 -24.39 -20.24 7.69
N ASN A 164 -25.65 -20.66 7.56
CA ASN A 164 -25.92 -22.10 7.61
C ASN A 164 -25.19 -22.83 6.50
N TRP A 165 -25.14 -22.25 5.30
CA TRP A 165 -24.38 -22.85 4.21
C TRP A 165 -22.88 -22.96 4.55
N ALA A 166 -22.29 -21.87 5.05
CA ALA A 166 -20.88 -21.95 5.42
C ALA A 166 -20.67 -23.00 6.49
N ALA A 167 -21.67 -23.25 7.33
CA ALA A 167 -21.49 -24.09 8.48
C ALA A 167 -21.65 -25.57 8.18
N GLU A 168 -22.20 -25.91 7.01
CA GLU A 168 -22.51 -27.29 6.70
C GLU A 168 -21.33 -28.07 6.14
N GLU A 169 -20.26 -27.40 5.74
CA GLU A 169 -19.13 -28.15 5.25
C GLU A 169 -17.84 -27.45 5.66
N PRO A 170 -16.80 -28.20 6.03
CA PRO A 170 -15.54 -27.56 6.44
C PRO A 170 -14.99 -26.70 5.33
N ARG A 171 -14.31 -25.62 5.72
CA ARG A 171 -13.49 -24.86 4.81
C ARG A 171 -14.33 -24.07 3.79
N ARG A 172 -15.53 -23.65 4.18
CA ARG A 172 -16.24 -22.63 3.43
C ARG A 172 -16.09 -21.32 4.18
N TYR A 173 -15.97 -20.23 3.43
CA TYR A 173 -15.69 -18.93 4.01
C TYR A 173 -16.61 -17.90 3.37
N ILE A 174 -17.06 -16.94 4.18
CA ILE A 174 -17.79 -15.77 3.71
C ILE A 174 -16.90 -14.56 3.98
N ILE A 175 -16.54 -13.86 2.91
CA ILE A 175 -15.92 -12.56 2.99
C ILE A 175 -17.02 -11.50 2.99
N GLU A 176 -17.21 -10.84 4.14
CA GLU A 176 -18.25 -9.83 4.30
C GLU A 176 -17.62 -8.47 4.07
N ASP A 177 -17.77 -7.96 2.85
CA ASP A 177 -17.33 -6.62 2.46
C ASP A 177 -18.36 -5.61 2.97
N ASP A 178 -18.12 -4.98 4.10
CA ASP A 178 -19.10 -4.08 4.72
C ASP A 178 -18.98 -2.65 4.23
N TYR A 179 -18.45 -2.46 3.03
CA TYR A 179 -18.41 -1.18 2.35
C TYR A 179 -19.73 -0.46 2.51
N ASP A 180 -19.66 0.86 2.76
CA ASP A 180 -20.84 1.70 2.70
C ASP A 180 -21.77 1.49 3.89
N SER A 181 -21.30 0.86 4.96
CA SER A 181 -22.19 0.47 6.04
C SER A 181 -22.33 1.53 7.12
N GLU A 182 -21.62 2.65 7.03
CA GLU A 182 -21.71 3.62 8.12
C GLU A 182 -23.04 4.34 8.19
N PHE A 183 -23.95 4.18 7.21
CA PHE A 183 -25.17 4.97 7.15
C PHE A 183 -26.39 4.10 6.86
N THR A 184 -27.53 4.48 7.45
CA THR A 184 -28.77 3.72 7.30
C THR A 184 -29.96 4.67 7.42
N TYR A 185 -30.72 4.82 6.33
CA TYR A 185 -31.81 5.80 6.27
C TYR A 185 -33.18 5.12 6.13
N ASP A 186 -34.14 5.59 6.91
CA ASP A 186 -35.50 5.07 6.94
C ASP A 186 -35.55 3.60 7.37
N VAL A 187 -34.44 3.07 7.87
CA VAL A 187 -34.39 1.73 8.43
C VAL A 187 -33.27 1.73 9.46
N ASP A 188 -33.33 0.79 10.40
CA ASP A 188 -32.30 0.74 11.43
C ASP A 188 -31.16 -0.18 11.00
N SER A 189 -30.15 -0.28 11.85
CA SER A 189 -28.98 -1.10 11.58
C SER A 189 -29.29 -2.58 11.76
N ILE A 190 -28.78 -3.40 10.84
CA ILE A 190 -28.83 -4.86 10.97
C ILE A 190 -27.46 -5.35 11.44
N PRO A 191 -27.40 -6.24 12.42
CA PRO A 191 -26.08 -6.74 12.84
C PRO A 191 -25.36 -7.39 11.67
N ALA A 192 -24.03 -7.29 11.70
CA ALA A 192 -23.23 -7.83 10.61
C ALA A 192 -23.31 -9.35 10.57
N LEU A 193 -23.06 -9.89 9.36
CA LEU A 193 -22.93 -11.32 9.19
C LEU A 193 -21.96 -11.91 10.20
N GLN A 194 -20.77 -11.31 10.29
CA GLN A 194 -19.77 -11.77 11.25
C GLN A 194 -20.37 -11.87 12.65
N SER A 195 -21.30 -10.97 12.96
CA SER A 195 -21.85 -10.87 14.30
C SER A 195 -22.85 -12.00 14.57
N LEU A 196 -23.62 -12.37 13.56
CA LEU A 196 -24.59 -13.46 13.69
C LEU A 196 -23.94 -14.84 13.70
N ASP A 197 -22.73 -14.97 13.17
CA ASP A 197 -22.06 -16.26 13.07
C ASP A 197 -21.89 -16.90 14.44
N ARG A 198 -22.45 -18.09 14.63
CA ARG A 198 -22.14 -18.86 15.85
C ARG A 198 -20.81 -19.56 15.74
N PHE A 199 -20.22 -19.59 14.56
CA PHE A 199 -18.94 -20.22 14.33
C PHE A 199 -18.00 -19.13 13.88
N GLN A 200 -16.97 -19.47 13.11
CA GLN A 200 -15.98 -18.49 12.69
C GLN A 200 -15.66 -18.66 11.21
N ASN A 201 -16.70 -18.52 10.39
CA ASN A 201 -16.62 -18.75 8.96
C ASN A 201 -16.62 -17.45 8.17
N VAL A 202 -16.61 -16.30 8.84
CA VAL A 202 -16.69 -15.00 8.21
C VAL A 202 -15.37 -14.27 8.40
N ILE A 203 -14.86 -13.72 7.32
CA ILE A 203 -13.82 -12.70 7.33
C ILE A 203 -14.52 -11.34 7.17
N TYR A 204 -14.43 -10.50 8.19
CA TYR A 204 -15.01 -9.18 8.13
C TYR A 204 -14.02 -8.20 7.50
N MET A 205 -14.46 -7.46 6.49
CA MET A 205 -13.62 -6.47 5.83
C MET A 205 -14.32 -5.13 5.84
N GLY A 206 -13.61 -4.10 6.32
CA GLY A 206 -14.15 -2.77 6.39
C GLY A 206 -13.16 -1.77 5.80
N THR A 207 -13.69 -0.60 5.47
CA THR A 207 -12.87 0.47 4.93
C THR A 207 -13.27 1.77 5.56
N PHE A 208 -12.31 2.68 5.69
CA PHE A 208 -12.59 4.04 6.13
C PHE A 208 -12.64 5.01 4.96
N SER A 209 -12.60 4.51 3.73
CA SER A 209 -12.48 5.44 2.61
C SER A 209 -13.78 6.21 2.39
N LYS A 210 -14.92 5.57 2.58
CA LYS A 210 -16.16 6.31 2.42
C LYS A 210 -16.39 7.32 3.54
N SER A 211 -15.73 7.15 4.70
CA SER A 211 -16.04 7.97 5.87
C SER A 211 -14.97 8.99 6.22
N LEU A 212 -13.76 8.88 5.68
N LEU A 212 -13.78 8.87 5.65
CA LEU A 212 -12.64 9.64 6.22
CA LEU A 212 -12.74 9.89 5.73
C LEU A 212 -11.93 10.43 5.12
C LEU A 212 -12.50 10.53 4.36
N LEU A 213 -10.71 10.91 5.45
N LEU A 213 -12.13 9.72 3.36
CA LEU A 213 -9.88 11.74 4.58
CA LEU A 213 -11.79 10.20 2.03
C LEU A 213 -9.95 11.36 3.12
C LEU A 213 -11.18 9.02 1.26
N PRO A 214 -10.45 12.24 2.25
N PRO A 214 -11.51 8.84 -0.02
CA PRO A 214 -10.82 11.83 0.88
CA PRO A 214 -10.73 7.88 -0.82
C PRO A 214 -9.92 10.80 0.20
C PRO A 214 -9.26 8.26 -0.85
N GLY A 215 -8.70 11.16 -0.19
N GLY A 215 -8.98 9.56 -1.04
CA GLY A 215 -7.83 10.26 -0.92
CA GLY A 215 -7.63 10.09 -1.03
C GLY A 215 -6.99 9.33 -0.08
C GLY A 215 -6.76 9.39 -0.04
N LEU A 216 -7.18 9.31 1.23
CA LEU A 216 -6.48 8.45 2.15
C LEU A 216 -7.09 7.05 2.11
N ARG A 217 -6.23 6.04 2.05
CA ARG A 217 -6.67 4.65 1.99
C ARG A 217 -6.37 3.97 3.32
N ILE A 218 -7.41 3.64 4.06
CA ILE A 218 -7.23 2.80 5.24
C ILE A 218 -8.36 1.78 5.26
N SER A 219 -7.98 0.50 5.32
CA SER A 219 -8.93 -0.60 5.40
C SER A 219 -8.40 -1.58 6.43
N TYR A 220 -9.25 -2.55 6.77
CA TYR A 220 -8.86 -3.56 7.74
C TYR A 220 -9.67 -4.82 7.49
N MET A 221 -9.20 -5.92 8.04
CA MET A 221 -9.91 -7.16 7.93
C MET A 221 -9.70 -7.94 9.22
N VAL A 222 -10.72 -8.67 9.62
CA VAL A 222 -10.74 -9.46 10.83
C VAL A 222 -10.67 -10.91 10.44
N LEU A 223 -9.56 -11.60 10.79
CA LEU A 223 -9.39 -12.97 10.33
C LEU A 223 -9.97 -13.96 11.32
N PRO A 224 -10.61 -15.03 10.88
CA PRO A 224 -10.89 -16.13 11.78
C PRO A 224 -9.57 -16.72 12.26
N PRO A 225 -9.46 -17.05 13.56
CA PRO A 225 -8.16 -17.42 14.13
C PRO A 225 -7.32 -18.33 13.25
N GLU A 226 -7.94 -19.23 12.48
CA GLU A 226 -7.17 -20.17 11.67
C GLU A 226 -6.51 -19.48 10.47
N LEU A 227 -7.18 -18.49 9.88
CA LEU A 227 -6.47 -17.74 8.84
C LEU A 227 -5.46 -16.79 9.46
N LEU A 228 -5.68 -16.36 10.70
CA LEU A 228 -4.62 -15.63 11.40
C LEU A 228 -3.39 -16.51 11.57
N ARG A 229 -3.57 -17.81 11.88
CA ARG A 229 -2.41 -18.68 12.02
C ARG A 229 -1.62 -18.75 10.71
N ALA A 230 -2.31 -18.93 9.59
CA ALA A 230 -1.63 -18.94 8.30
C ALA A 230 -0.92 -17.61 8.05
N TYR A 231 -1.56 -16.50 8.41
CA TYR A 231 -0.94 -15.19 8.20
C TYR A 231 0.35 -15.06 8.98
N LYS A 232 0.28 -15.34 10.29
CA LYS A 232 1.42 -15.23 11.19
C LYS A 232 2.59 -16.13 10.77
N GLN A 233 2.31 -17.23 10.07
CA GLN A 233 3.35 -18.11 9.56
C GLN A 233 4.09 -17.52 8.37
N ARG A 234 3.62 -16.40 7.82
CA ARG A 234 4.26 -15.88 6.60
C ARG A 234 5.65 -15.31 6.90
N GLY A 235 5.75 -14.44 7.91
CA GLY A 235 7.03 -13.94 8.36
C GLY A 235 7.67 -12.82 7.55
N TYR A 236 7.07 -12.37 6.46
CA TYR A 236 7.73 -11.35 5.66
C TYR A 236 6.89 -10.10 5.34
N ASP A 237 5.63 -10.02 5.79
CA ASP A 237 4.80 -8.90 5.38
C ASP A 237 5.20 -7.62 6.09
N LEU A 238 5.06 -6.51 5.38
CA LEU A 238 5.21 -5.18 5.94
C LEU A 238 3.88 -4.43 5.89
N GLN A 239 3.63 -3.61 6.91
CA GLN A 239 2.42 -2.80 6.95
C GLN A 239 2.43 -1.79 5.79
N THR A 240 1.28 -1.58 5.16
CA THR A 240 1.25 -0.62 4.06
C THR A 240 0.69 0.74 4.43
N CYS A 241 0.09 0.90 5.61
CA CYS A 241 -0.34 2.20 6.11
C CYS A 241 0.79 2.85 6.90
N SER A 242 1.10 4.10 6.60
CA SER A 242 2.15 4.75 7.36
C SER A 242 1.78 4.76 8.84
N SER A 243 2.79 4.72 9.70
CA SER A 243 2.51 4.75 11.13
C SER A 243 1.78 6.02 11.54
N LEU A 244 2.22 7.16 11.05
CA LEU A 244 1.54 8.39 11.44
C LEU A 244 0.08 8.38 10.98
N THR A 245 -0.22 7.80 9.82
CA THR A 245 -1.61 7.72 9.38
C THR A 245 -2.43 6.85 10.31
N GLN A 246 -1.86 5.74 10.76
CA GLN A 246 -2.55 4.87 11.71
C GLN A 246 -2.79 5.61 13.02
N LEU A 247 -1.77 6.28 13.53
CA LEU A 247 -1.93 6.98 14.78
C LEU A 247 -2.91 8.14 14.64
N THR A 248 -2.90 8.81 13.48
CA THR A 248 -3.91 9.85 13.26
C THR A 248 -5.30 9.25 13.29
N LEU A 249 -5.50 8.09 12.67
CA LEU A 249 -6.81 7.44 12.75
C LEU A 249 -7.18 7.16 14.20
N GLN A 250 -6.23 6.61 14.97
CA GLN A 250 -6.49 6.31 16.36
C GLN A 250 -6.94 7.56 17.12
N GLU A 251 -6.23 8.69 16.92
CA GLU A 251 -6.61 9.90 17.64
C GLU A 251 -7.97 10.40 17.19
N PHE A 252 -8.23 10.31 15.88
CA PHE A 252 -9.51 10.74 15.33
C PHE A 252 -10.65 9.92 15.94
N ILE A 253 -10.43 8.63 16.17
CA ILE A 253 -11.44 7.78 16.79
C ILE A 253 -11.54 8.09 18.29
N GLU A 254 -10.44 7.91 19.02
CA GLU A 254 -10.51 8.00 20.48
C GLU A 254 -10.86 9.40 20.98
N SER A 255 -10.54 10.45 20.21
CA SER A 255 -11.02 11.79 20.55
C SER A 255 -12.53 11.92 20.44
N GLY A 256 -13.22 10.97 19.80
CA GLY A 256 -14.61 11.16 19.47
C GLY A 256 -14.89 11.95 18.21
N GLU A 257 -13.86 12.58 17.59
CA GLU A 257 -14.11 13.30 16.34
C GLU A 257 -14.69 12.39 15.27
N TYR A 258 -14.30 11.11 15.23
CA TYR A 258 -14.86 10.22 14.21
C TYR A 258 -16.36 10.05 14.39
N GLN A 259 -16.78 9.65 15.58
CA GLN A 259 -18.20 9.41 15.82
C GLN A 259 -19.02 10.69 15.70
N LYS A 260 -18.47 11.84 16.13
CA LYS A 260 -19.16 13.09 15.88
C LYS A 260 -19.36 13.29 14.38
N HIS A 261 -18.32 12.99 13.59
CA HIS A 261 -18.37 13.22 12.16
C HIS A 261 -19.43 12.37 11.49
N ILE A 262 -19.47 11.09 11.85
CA ILE A 262 -20.45 10.17 11.26
C ILE A 262 -21.87 10.66 11.55
N LYS A 263 -22.15 11.00 12.82
CA LYS A 263 -23.49 11.46 13.17
C LYS A 263 -23.91 12.64 12.31
N LYS A 264 -23.07 13.68 12.23
CA LYS A 264 -23.41 14.82 11.38
C LYS A 264 -23.64 14.38 9.94
N MET A 265 -22.76 13.51 9.41
CA MET A 265 -22.88 13.08 8.03
C MET A 265 -24.13 12.21 7.82
N LYS A 266 -24.53 11.43 8.82
CA LYS A 266 -25.75 10.63 8.68
C LYS A 266 -26.94 11.53 8.39
N GLN A 267 -27.11 12.59 9.18
CA GLN A 267 -28.17 13.55 8.95
C GLN A 267 -28.02 14.22 7.59
N HIS A 268 -26.80 14.63 7.24
CA HIS A 268 -26.59 15.34 5.98
C HIS A 268 -27.00 14.46 4.79
N TYR A 269 -26.55 13.21 4.76
CA TYR A 269 -26.86 12.38 3.61
C TYR A 269 -28.32 11.95 3.60
N LYS A 270 -28.94 11.79 4.77
CA LYS A 270 -30.35 11.47 4.77
C LYS A 270 -31.17 12.58 4.11
N GLU A 271 -31.02 13.81 4.57
CA GLU A 271 -31.76 14.91 3.97
C GLU A 271 -31.42 15.08 2.50
N LYS A 272 -30.13 14.98 2.15
CA LYS A 272 -29.74 15.06 0.75
C LYS A 272 -30.44 13.98 -0.07
N ARG A 273 -30.41 12.74 0.42
CA ARG A 273 -31.02 11.63 -0.31
C ARG A 273 -32.52 11.86 -0.50
N GLU A 274 -33.23 12.25 0.57
CA GLU A 274 -34.65 12.57 0.46
C GLU A 274 -34.90 13.63 -0.60
N ARG A 275 -34.25 14.80 -0.47
CA ARG A 275 -34.45 15.87 -1.43
C ARG A 275 -34.13 15.41 -2.86
N LEU A 276 -33.05 14.64 -3.04
CA LEU A 276 -32.70 14.21 -4.38
C LEU A 276 -33.76 13.26 -4.94
N ILE A 277 -34.40 12.48 -4.08
CA ILE A 277 -35.45 11.58 -4.53
C ILE A 277 -36.65 12.40 -4.97
N THR A 278 -37.15 13.27 -4.08
CA THR A 278 -38.23 14.18 -4.45
C THR A 278 -37.95 14.87 -5.77
N ALA A 279 -36.73 15.36 -5.99
CA ALA A 279 -36.43 16.10 -7.21
C ALA A 279 -36.46 15.18 -8.43
N LEU A 280 -35.93 13.96 -8.29
CA LEU A 280 -36.03 12.98 -9.38
C LEU A 280 -37.48 12.62 -9.66
N GLU A 281 -38.34 12.64 -8.62
CA GLU A 281 -39.72 12.21 -8.76
C GLU A 281 -40.55 13.30 -9.41
N ALA A 282 -40.26 14.56 -9.10
CA ALA A 282 -40.91 15.67 -9.79
C ALA A 282 -40.44 15.79 -11.23
N GLU A 283 -39.13 15.69 -11.47
CA GLU A 283 -38.63 15.86 -12.83
C GLU A 283 -39.07 14.72 -13.74
N PHE A 284 -39.21 13.50 -13.20
CA PHE A 284 -39.54 12.33 -13.98
C PHE A 284 -40.95 11.80 -13.74
N SER A 285 -41.62 12.29 -12.68
CA SER A 285 -43.06 12.15 -12.50
C SER A 285 -43.56 10.71 -12.38
N GLY A 286 -42.69 9.73 -12.59
CA GLY A 286 -43.13 8.35 -12.60
C GLY A 286 -42.39 7.50 -13.61
N GLU A 287 -41.69 8.16 -14.53
CA GLU A 287 -40.87 7.45 -15.51
C GLU A 287 -39.49 7.10 -15.00
N VAL A 288 -39.15 7.43 -13.76
CA VAL A 288 -37.94 6.93 -13.12
C VAL A 288 -38.35 5.86 -12.13
N THR A 289 -37.55 4.80 -12.07
CA THR A 289 -37.68 3.75 -11.07
C THR A 289 -36.44 3.79 -10.17
N VAL A 290 -36.66 4.10 -8.89
CA VAL A 290 -35.58 4.20 -7.91
C VAL A 290 -35.60 2.96 -7.03
N LYS A 291 -34.43 2.38 -6.79
CA LYS A 291 -34.35 1.22 -5.93
C LYS A 291 -32.99 1.22 -5.27
N GLY A 292 -32.89 0.48 -4.17
CA GLY A 292 -31.62 0.36 -3.46
C GLY A 292 -31.22 1.59 -2.66
N ALA A 293 -32.20 2.34 -2.15
CA ALA A 293 -31.93 3.65 -1.55
C ALA A 293 -32.29 3.71 -0.07
N ASN A 294 -32.06 2.62 0.66
CA ASN A 294 -32.37 2.61 2.08
C ASN A 294 -31.12 2.60 2.95
N ALA A 295 -29.99 3.00 2.39
CA ALA A 295 -28.71 2.89 3.06
C ALA A 295 -27.61 3.26 2.08
N GLY A 296 -26.37 3.40 2.58
CA GLY A 296 -25.25 3.73 1.71
C GLY A 296 -25.38 5.10 1.04
N LEU A 297 -24.47 5.34 0.10
CA LEU A 297 -24.34 6.68 -0.47
C LEU A 297 -24.76 6.72 -1.94
N HIS A 298 -25.49 5.71 -2.42
CA HIS A 298 -25.99 5.72 -3.78
C HIS A 298 -27.30 4.93 -3.84
N PHE A 299 -27.98 5.06 -4.97
CA PHE A 299 -29.10 4.19 -5.30
C PHE A 299 -29.10 4.02 -6.82
N VAL A 300 -30.10 3.29 -7.31
CA VAL A 300 -30.19 2.92 -8.70
C VAL A 300 -31.40 3.63 -9.28
N THR A 301 -31.28 4.11 -10.51
CA THR A 301 -32.41 4.69 -11.23
C THR A 301 -32.53 4.01 -12.58
N GLU A 302 -33.71 3.47 -12.86
CA GLU A 302 -34.02 2.90 -14.18
C GLU A 302 -34.95 3.83 -14.93
N PHE A 303 -34.70 3.98 -16.23
CA PHE A 303 -35.38 4.99 -17.04
C PHE A 303 -36.10 4.40 -18.24
N ASP A 304 -37.33 4.87 -18.44
CA ASP A 304 -38.17 4.56 -19.59
C ASP A 304 -37.87 5.56 -20.72
N THR A 305 -37.04 5.15 -21.67
CA THR A 305 -36.53 6.01 -22.74
C THR A 305 -35.79 5.13 -23.75
N ARG A 306 -35.54 5.70 -24.93
CA ARG A 306 -35.20 4.95 -26.13
C ARG A 306 -33.70 4.83 -26.41
N ARG A 307 -32.84 5.57 -25.72
CA ARG A 307 -31.42 5.58 -26.09
C ARG A 307 -30.64 4.55 -25.28
N THR A 308 -29.46 4.21 -25.80
CA THR A 308 -28.59 3.23 -25.17
C THR A 308 -27.96 3.82 -23.90
N GLU A 309 -27.48 2.93 -23.02
CA GLU A 309 -26.74 3.38 -21.85
C GLU A 309 -25.46 4.10 -22.27
N GLN A 310 -24.76 3.57 -23.30
CA GLN A 310 -23.55 4.19 -23.79
C GLN A 310 -23.81 5.56 -24.38
N ASP A 311 -25.06 5.81 -24.79
CA ASP A 311 -25.47 7.09 -25.33
C ASP A 311 -25.87 8.05 -24.22
N ILE A 312 -26.77 7.62 -23.34
CA ILE A 312 -27.20 8.48 -22.23
C ILE A 312 -25.99 8.94 -21.42
N LEU A 313 -25.02 8.06 -21.22
CA LEU A 313 -23.82 8.45 -20.49
C LEU A 313 -22.90 9.33 -21.32
N SER A 314 -22.91 9.14 -22.64
CA SER A 314 -22.10 9.99 -23.50
C SER A 314 -22.65 11.39 -23.57
N HIS A 315 -23.97 11.54 -23.46
CA HIS A 315 -24.56 12.88 -23.42
C HIS A 315 -24.31 13.53 -22.07
N ALA A 316 -24.61 12.82 -20.98
CA ALA A 316 -24.36 13.34 -19.63
C ALA A 316 -22.94 13.86 -19.50
N ALA A 317 -21.96 13.12 -20.00
CA ALA A 317 -20.59 13.59 -20.02
C ALA A 317 -20.48 14.94 -20.72
N GLY A 318 -21.10 15.06 -21.90
CA GLY A 318 -21.11 16.33 -22.58
C GLY A 318 -21.78 17.42 -21.76
N LEU A 319 -22.89 17.09 -21.10
CA LEU A 319 -23.56 18.05 -20.22
C LEU A 319 -22.87 18.21 -18.86
N GLN A 320 -21.62 17.77 -18.73
CA GLN A 320 -20.88 17.86 -17.47
C GLN A 320 -21.72 17.36 -16.29
N LEU A 321 -22.27 16.16 -16.45
CA LEU A 321 -22.88 15.41 -15.36
C LEU A 321 -22.08 14.14 -15.18
N GLU A 322 -21.32 14.08 -14.09
CA GLU A 322 -20.59 12.86 -13.77
C GLU A 322 -21.56 11.81 -13.24
N ILE A 323 -21.67 10.71 -13.96
CA ILE A 323 -22.63 9.64 -13.66
C ILE A 323 -22.09 8.37 -14.27
N PHE A 324 -22.51 7.22 -13.74
CA PHE A 324 -22.06 5.94 -14.26
C PHE A 324 -23.24 5.02 -14.54
N GLY A 325 -23.04 4.13 -15.51
CA GLY A 325 -24.06 3.16 -15.87
C GLY A 325 -23.91 1.82 -15.16
N MET A 326 -25.04 1.21 -14.89
CA MET A 326 -25.07 -0.08 -14.22
C MET A 326 -24.30 -1.16 -14.97
N SER A 327 -24.13 -1.02 -16.30
CA SER A 327 -23.46 -2.08 -17.05
C SER A 327 -22.03 -2.29 -16.62
N ARG A 328 -21.43 -1.27 -16.01
CA ARG A 328 -20.05 -1.33 -15.54
C ARG A 328 -19.82 -2.47 -14.55
N PHE A 329 -20.88 -2.97 -13.93
CA PHE A 329 -20.79 -3.87 -12.79
C PHE A 329 -21.16 -5.29 -13.12
N ASN A 330 -21.29 -5.61 -14.42
CA ASN A 330 -21.40 -6.98 -14.86
C ASN A 330 -20.05 -7.67 -14.70
N LEU A 331 -20.06 -8.88 -14.15
CA LEU A 331 -18.83 -9.65 -14.14
C LEU A 331 -18.68 -10.50 -15.40
N LYS A 332 -19.77 -10.84 -16.07
CA LYS A 332 -19.77 -11.43 -17.42
C LYS A 332 -18.51 -11.04 -18.22
N THR A 338 -29.49 -4.57 -22.58
CA THR A 338 -30.65 -5.34 -23.00
C THR A 338 -31.98 -4.73 -22.57
N GLY A 339 -32.15 -4.44 -21.29
CA GLY A 339 -33.40 -3.89 -20.79
C GLY A 339 -33.42 -2.37 -20.87
N ARG A 340 -34.25 -1.78 -20.04
CA ARG A 340 -34.28 -0.34 -19.94
C ARG A 340 -33.05 0.19 -19.19
N PRO A 341 -32.61 1.41 -19.49
CA PRO A 341 -31.34 1.89 -18.96
C PRO A 341 -31.40 2.11 -17.46
N ALA A 342 -30.33 1.68 -16.78
CA ALA A 342 -30.16 1.84 -15.35
C ALA A 342 -28.84 2.54 -15.05
N LEU A 343 -28.89 3.54 -14.16
CA LEU A 343 -27.71 4.30 -13.76
C LEU A 343 -27.56 4.27 -12.25
N ILE A 344 -26.32 4.46 -11.81
CA ILE A 344 -25.98 4.68 -10.40
C ILE A 344 -25.97 6.16 -10.08
N ILE A 345 -26.87 6.57 -9.19
CA ILE A 345 -26.84 7.91 -8.62
C ILE A 345 -26.11 7.80 -7.28
N GLY A 346 -24.82 8.15 -7.24
CA GLY A 346 -24.19 8.52 -5.98
C GLY A 346 -24.52 9.95 -5.59
N PHE A 347 -24.62 10.20 -4.29
CA PHE A 347 -24.87 11.56 -3.83
C PHE A 347 -23.88 12.01 -2.76
N ALA A 348 -22.70 11.37 -2.69
CA ALA A 348 -21.73 11.76 -1.67
C ALA A 348 -21.09 13.11 -1.99
N ARG A 349 -20.71 13.32 -3.25
CA ARG A 349 -20.08 14.57 -3.68
C ARG A 349 -21.09 15.60 -4.16
N LEU A 350 -22.39 15.30 -4.11
CA LEU A 350 -23.38 16.19 -4.71
C LEU A 350 -23.73 17.36 -3.78
N LYS A 351 -23.46 18.58 -4.23
CA LYS A 351 -23.82 19.75 -3.44
C LYS A 351 -25.32 19.92 -3.43
N GLU A 352 -25.90 20.18 -2.26
CA GLU A 352 -27.35 20.33 -2.20
C GLU A 352 -27.85 21.37 -3.18
N GLU A 353 -27.08 22.46 -3.39
CA GLU A 353 -27.54 23.54 -4.26
C GLU A 353 -27.57 23.16 -5.73
N ASP A 354 -27.07 21.98 -6.09
CA ASP A 354 -27.04 21.53 -7.47
C ASP A 354 -28.03 20.40 -7.74
N ILE A 355 -28.91 20.08 -6.79
CA ILE A 355 -29.83 18.95 -6.98
C ILE A 355 -30.79 19.21 -8.13
N GLN A 356 -31.53 20.32 -8.08
CA GLN A 356 -32.48 20.64 -9.15
C GLN A 356 -31.81 20.70 -10.50
N GLU A 357 -30.73 21.48 -10.62
CA GLU A 357 -30.03 21.51 -11.90
C GLU A 357 -29.38 20.17 -12.22
N GLY A 358 -29.18 19.32 -11.20
CA GLY A 358 -28.60 18.02 -11.45
C GLY A 358 -29.51 17.08 -12.22
N VAL A 359 -30.77 16.94 -11.77
CA VAL A 359 -31.72 16.07 -12.46
C VAL A 359 -31.94 16.53 -13.92
N GLN A 360 -32.19 17.81 -14.13
CA GLN A 360 -32.03 18.35 -15.47
C GLN A 360 -30.57 18.20 -15.86
N ARG A 361 -30.31 17.87 -17.13
CA ARG A 361 -29.02 17.34 -17.57
C ARG A 361 -29.09 15.83 -17.57
N LEU A 362 -29.65 15.25 -16.49
CA LEU A 362 -30.02 13.85 -16.53
C LEU A 362 -31.33 13.68 -17.30
N PHE A 363 -32.38 14.40 -16.90
CA PHE A 363 -33.61 14.48 -17.67
C PHE A 363 -33.36 14.90 -19.12
N LYS A 364 -32.13 15.30 -19.45
CA LYS A 364 -31.77 15.65 -20.81
C LYS A 364 -30.74 14.71 -21.43
N ALA A 365 -29.90 14.07 -20.61
CA ALA A 365 -29.00 13.04 -21.12
C ALA A 365 -29.75 11.77 -21.53
N VAL A 366 -30.97 11.58 -21.02
CA VAL A 366 -31.73 10.40 -21.40
C VAL A 366 -32.23 10.52 -22.85
N TYR A 367 -32.29 11.76 -23.38
CA TYR A 367 -32.59 11.99 -24.78
C TYR A 367 -31.92 13.30 -25.21
N GLY A 368 -32.66 14.40 -25.18
CA GLY A 368 -32.13 15.73 -25.37
C GLY A 368 -33.18 16.82 -25.29
N HIS A 369 -33.85 16.98 -24.14
CA HIS A 369 -34.78 18.11 -23.99
C HIS A 369 -35.47 18.14 -22.63
N LYS A 370 -36.57 18.89 -22.55
CA LYS A 370 -37.41 18.96 -21.37
C LYS A 370 -38.57 19.91 -21.65
N LYS A 371 -39.41 19.56 -22.63
CA LYS A 371 -40.47 20.46 -23.11
C LYS A 371 -41.69 20.37 -22.20
N ILE A 372 -42.02 21.47 -21.53
CA ILE A 372 -43.09 21.48 -20.53
C ILE A 372 -43.53 22.90 -20.21
N MET B 1 26.05 2.46 37.85
CA MET B 1 25.68 1.11 37.43
C MET B 1 25.91 0.91 35.94
N ILE B 2 24.91 0.30 35.30
CA ILE B 2 24.98 -0.06 33.88
C ILE B 2 23.72 0.44 33.19
N ASP B 3 23.54 1.77 33.14
CA ASP B 3 22.28 2.36 32.68
C ASP B 3 21.65 1.51 31.58
N GLN B 4 20.49 0.92 31.88
CA GLN B 4 19.88 -0.04 30.96
C GLN B 4 19.54 0.61 29.63
N SER B 5 19.16 1.89 29.66
CA SER B 5 18.72 2.61 28.46
C SER B 5 19.87 3.05 27.56
N ASP B 6 21.12 3.02 28.04
CA ASP B 6 22.27 3.57 27.31
C ASP B 6 22.74 2.64 26.20
N TRP B 7 21.82 2.38 25.26
CA TRP B 7 22.11 1.63 24.05
C TRP B 7 22.72 2.54 22.99
N ILE B 8 23.84 2.09 22.44
CA ILE B 8 24.40 2.63 21.20
C ILE B 8 24.05 1.66 20.09
N SER B 9 23.54 2.18 18.98
CA SER B 9 23.11 1.35 17.86
C SER B 9 24.07 1.48 16.68
N PHE B 10 24.52 0.35 16.16
CA PHE B 10 25.21 0.25 14.89
C PHE B 10 24.31 -0.39 13.84
N SER B 11 23.01 -0.46 14.11
CA SER B 11 22.08 -1.14 13.21
C SER B 11 21.89 -0.36 11.92
N HIS B 12 21.73 -1.10 10.83
CA HIS B 12 21.54 -0.50 9.50
C HIS B 12 20.06 -0.18 9.24
N MET B 13 19.14 -0.89 9.90
CA MET B 13 17.70 -0.80 9.66
C MET B 13 17.13 0.40 10.42
N SER B 14 17.47 1.59 9.96
CA SER B 14 17.05 2.77 10.72
C SER B 14 17.10 4.01 9.84
N SER B 15 16.75 5.13 10.46
CA SER B 15 16.89 6.45 9.86
C SER B 15 16.65 7.47 10.96
N ASP B 16 17.53 8.47 11.06
CA ASP B 16 17.53 9.40 12.19
C ASP B 16 16.28 10.26 12.14
N THR B 17 15.27 9.92 12.94
CA THR B 17 14.14 10.82 13.11
C THR B 17 14.61 12.21 13.54
N ASP B 18 15.68 12.25 14.32
CA ASP B 18 16.20 13.53 14.80
C ASP B 18 16.50 14.49 13.67
N HIS B 19 17.10 14.01 12.59
CA HIS B 19 17.61 14.90 11.56
C HIS B 19 16.58 15.24 10.50
N PHE B 20 15.47 14.51 10.44
CA PHE B 20 14.47 14.77 9.42
C PHE B 20 13.75 16.09 9.66
N PRO B 21 13.60 16.95 8.65
CA PRO B 21 12.88 18.24 8.84
C PRO B 21 11.38 18.05 8.92
N ILE B 22 10.92 17.60 10.09
CA ILE B 22 9.53 17.21 10.24
C ILE B 22 8.60 18.40 10.07
N LYS B 23 9.01 19.59 10.52
CA LYS B 23 8.14 20.75 10.39
C LYS B 23 8.04 21.20 8.93
N SER B 24 9.13 21.10 8.18
CA SER B 24 9.07 21.41 6.77
C SER B 24 8.16 20.42 6.03
N TRP B 25 8.25 19.14 6.38
CA TRP B 25 7.36 18.15 5.80
C TRP B 25 5.90 18.53 6.03
N PHE B 26 5.56 18.95 7.24
CA PHE B 26 4.17 19.28 7.54
C PHE B 26 3.75 20.56 6.84
N ARG B 27 4.66 21.53 6.72
CA ARG B 27 4.31 22.73 5.97
C ARG B 27 4.04 22.40 4.50
N CYS B 28 4.88 21.53 3.89
CA CYS B 28 4.60 21.07 2.53
C CYS B 28 3.25 20.38 2.44
N GLU B 29 2.96 19.47 3.38
CA GLU B 29 1.65 18.82 3.38
C GLU B 29 0.54 19.84 3.45
N GLN B 30 0.72 20.88 4.28
CA GLN B 30 -0.29 21.93 4.35
C GLN B 30 -0.41 22.69 3.04
N LYS B 31 0.71 23.02 2.40
CA LYS B 31 0.63 23.71 1.11
C LYS B 31 -0.05 22.84 0.07
N ALA B 32 0.36 21.56 -0.02
CA ALA B 32 -0.30 20.64 -0.94
C ALA B 32 -1.80 20.65 -0.72
N ALA B 33 -2.22 20.58 0.54
CA ALA B 33 -3.64 20.50 0.85
C ALA B 33 -4.37 21.77 0.44
N SER B 34 -3.78 22.93 0.74
CA SER B 34 -4.42 24.17 0.31
C SER B 34 -4.65 24.17 -1.21
N ARG B 35 -3.61 23.79 -1.97
CA ARG B 35 -3.72 23.81 -3.43
C ARG B 35 -4.73 22.80 -3.96
N SER B 36 -4.80 21.58 -3.39
CA SER B 36 -5.48 20.47 -4.07
C SER B 36 -6.51 19.75 -3.22
N TYR B 37 -7.10 20.38 -2.21
CA TYR B 37 -7.98 19.63 -1.33
C TYR B 37 -9.18 19.08 -2.08
N ARG B 38 -9.80 19.89 -2.94
CA ARG B 38 -10.96 19.44 -3.71
C ARG B 38 -10.62 18.26 -4.62
N THR B 39 -9.38 17.78 -4.54
CA THR B 39 -8.90 16.67 -5.36
C THR B 39 -8.61 15.40 -4.57
N LEU B 40 -8.43 15.51 -3.25
CA LEU B 40 -8.25 14.30 -2.47
C LEU B 40 -9.46 13.39 -2.60
N GLY B 41 -10.65 13.98 -2.81
CA GLY B 41 -11.90 13.25 -2.90
C GLY B 41 -12.02 12.38 -4.11
N ASP B 42 -11.18 12.60 -5.10
CA ASP B 42 -11.15 11.78 -6.28
C ASP B 42 -10.31 10.55 -6.02
N MET B 43 -10.34 9.63 -6.97
CA MET B 43 -9.46 8.48 -6.91
C MET B 43 -8.16 8.81 -7.62
N SER B 44 -7.05 8.71 -6.90
CA SER B 44 -5.73 8.78 -7.52
C SER B 44 -5.75 7.96 -8.81
N HIS B 45 -5.01 8.41 -9.82
CA HIS B 45 -4.67 7.51 -10.92
C HIS B 45 -4.01 6.24 -10.35
N PRO B 46 -4.31 5.06 -10.89
CA PRO B 46 -3.74 3.85 -10.24
C PRO B 46 -2.22 3.84 -10.18
N GLN B 47 -1.52 4.42 -11.17
CA GLN B 47 -0.06 4.49 -11.12
C GLN B 47 0.45 5.49 -10.09
N GLY B 48 -0.42 6.38 -9.60
CA GLY B 48 0.00 7.50 -8.78
C GLY B 48 -0.37 8.78 -9.47
N ILE B 49 -0.51 9.90 -8.75
CA ILE B 49 -0.88 11.15 -9.40
C ILE B 49 0.21 11.52 -10.41
N TYR B 50 -0.21 11.90 -11.62
CA TYR B 50 0.76 12.14 -12.69
C TYR B 50 1.81 13.16 -12.26
N GLU B 51 1.37 14.27 -11.68
CA GLU B 51 2.32 15.33 -11.35
C GLU B 51 3.32 14.84 -10.30
N VAL B 52 2.91 13.95 -9.41
CA VAL B 52 3.83 13.34 -8.46
C VAL B 52 4.85 12.49 -9.21
N ARG B 53 4.37 11.63 -10.10
CA ARG B 53 5.25 10.78 -10.90
C ARG B 53 6.22 11.64 -11.70
N ALA B 54 5.75 12.78 -12.20
CA ALA B 54 6.60 13.64 -13.02
C ALA B 54 7.68 14.28 -12.16
N ALA B 55 7.34 14.71 -10.95
CA ALA B 55 8.37 15.25 -10.05
C ALA B 55 9.40 14.19 -9.70
N ILE B 56 8.96 12.95 -9.42
CA ILE B 56 9.95 11.91 -9.11
C ILE B 56 10.83 11.67 -10.32
N THR B 57 10.22 11.60 -11.50
CA THR B 57 10.98 11.36 -12.72
C THR B 57 12.06 12.42 -12.92
N ARG B 58 11.69 13.71 -12.83
CA ARG B 58 12.69 14.76 -12.92
C ARG B 58 13.80 14.57 -11.89
N LEU B 59 13.43 14.20 -10.66
CA LEU B 59 14.45 14.03 -9.64
C LEU B 59 15.45 12.93 -10.00
N ILE B 60 14.96 11.73 -10.32
CA ILE B 60 15.87 10.61 -10.47
C ILE B 60 16.66 10.70 -11.77
N SER B 61 16.18 11.47 -12.74
CA SER B 61 17.02 11.70 -13.91
C SER B 61 18.21 12.56 -13.53
N LEU B 62 17.98 13.63 -12.77
CA LEU B 62 19.08 14.44 -12.27
C LEU B 62 20.01 13.62 -11.38
N THR B 63 19.47 13.03 -10.31
CA THR B 63 20.30 12.47 -9.26
C THR B 63 20.84 11.09 -9.56
N ARG B 64 20.33 10.39 -10.58
CA ARG B 64 20.78 9.04 -10.88
C ARG B 64 20.89 8.78 -12.38
N GLY B 65 20.55 9.74 -13.22
CA GLY B 65 20.58 9.48 -14.64
C GLY B 65 19.60 8.44 -15.13
N VAL B 66 18.63 8.04 -14.31
CA VAL B 66 17.57 7.17 -14.79
C VAL B 66 16.87 7.85 -15.95
N LYS B 67 16.61 7.09 -17.01
CA LYS B 67 16.00 7.60 -18.22
C LYS B 67 14.60 7.03 -18.32
N CYS B 68 13.58 7.83 -18.00
CA CYS B 68 12.22 7.30 -18.04
C CYS B 68 11.21 8.44 -18.23
N ARG B 69 9.98 8.03 -18.50
CA ARG B 69 8.83 8.90 -18.55
C ARG B 69 7.91 8.64 -17.35
N PRO B 70 7.22 9.68 -16.86
CA PRO B 70 6.26 9.47 -15.78
C PRO B 70 5.25 8.40 -16.09
N GLU B 71 4.97 8.18 -17.37
CA GLU B 71 3.99 7.19 -17.81
C GLU B 71 4.40 5.77 -17.42
N GLN B 72 5.70 5.52 -17.31
CA GLN B 72 6.22 4.20 -17.02
C GLN B 72 6.27 3.90 -15.55
N MET B 73 5.93 4.87 -14.71
CA MET B 73 6.28 4.78 -13.30
C MET B 73 5.06 4.36 -12.50
N ILE B 74 5.29 3.55 -11.48
CA ILE B 74 4.21 3.03 -10.64
C ILE B 74 4.61 3.31 -9.20
N ILE B 75 3.83 4.17 -8.52
CA ILE B 75 4.05 4.48 -7.11
C ILE B 75 3.33 3.45 -6.25
N GLY B 76 3.89 3.14 -5.07
CA GLY B 76 3.28 2.18 -4.18
C GLY B 76 3.76 2.42 -2.76
N ALA B 77 3.05 1.86 -1.80
CA ALA B 77 3.39 2.03 -0.38
C ALA B 77 4.45 1.02 0.03
N GLY B 78 5.69 1.31 -0.32
CA GLY B 78 6.79 0.43 -0.02
C GLY B 78 7.18 -0.44 -1.20
N THR B 79 8.41 -0.99 -1.12
CA THR B 79 8.93 -1.79 -2.22
C THR B 79 8.25 -3.15 -2.32
N GLN B 80 7.81 -3.71 -1.20
CA GLN B 80 7.20 -5.03 -1.22
C GLN B 80 5.96 -5.06 -2.09
N VAL B 81 5.01 -4.15 -1.87
CA VAL B 81 3.83 -4.21 -2.72
C VAL B 81 4.23 -4.10 -4.20
N LEU B 82 5.19 -3.23 -4.50
CA LEU B 82 5.60 -3.09 -5.90
C LEU B 82 6.23 -4.37 -6.42
N MET B 83 6.98 -5.08 -5.57
CA MET B 83 7.62 -6.33 -5.97
C MET B 83 6.59 -7.42 -6.18
N GLN B 84 5.58 -7.50 -5.29
CA GLN B 84 4.46 -8.42 -5.51
C GLN B 84 3.80 -8.17 -6.85
N LEU B 85 3.44 -6.90 -7.11
CA LEU B 85 2.85 -6.53 -8.38
C LEU B 85 3.75 -7.00 -9.52
N LEU B 86 5.06 -6.77 -9.36
CA LEU B 86 6.00 -7.13 -10.42
C LEU B 86 5.98 -8.63 -10.69
N THR B 87 5.90 -9.46 -9.63
CA THR B 87 5.96 -10.89 -9.86
C THR B 87 4.78 -11.37 -10.68
N GLU B 88 3.66 -10.63 -10.62
CA GLU B 88 2.48 -10.93 -11.41
C GLU B 88 2.54 -10.35 -12.82
N LEU B 89 3.39 -9.34 -13.06
CA LEU B 89 3.56 -8.87 -14.44
C LEU B 89 4.54 -9.75 -15.20
N LEU B 90 5.57 -10.25 -14.51
CA LEU B 90 6.56 -11.14 -15.10
C LEU B 90 5.94 -12.50 -15.35
N PRO B 91 6.55 -13.33 -16.19
CA PRO B 91 5.93 -14.63 -16.48
C PRO B 91 5.74 -15.43 -15.20
N LYS B 92 4.62 -16.15 -15.12
CA LYS B 92 4.34 -16.95 -13.93
C LYS B 92 5.53 -17.83 -13.58
N GLU B 93 6.04 -18.56 -14.56
CA GLU B 93 7.11 -19.54 -14.38
C GLU B 93 8.49 -18.91 -14.39
N ALA B 94 8.59 -17.59 -14.29
CA ALA B 94 9.91 -16.97 -14.27
C ALA B 94 10.76 -17.53 -13.14
N VAL B 95 12.03 -17.77 -13.44
CA VAL B 95 12.99 -18.23 -12.43
C VAL B 95 13.76 -17.03 -11.93
N TYR B 96 13.73 -16.78 -10.63
CA TYR B 96 14.38 -15.61 -10.07
C TYR B 96 15.78 -15.95 -9.54
N ALA B 97 16.57 -14.90 -9.33
CA ALA B 97 17.89 -15.07 -8.75
C ALA B 97 18.18 -13.81 -7.95
N MET B 98 18.70 -13.98 -6.73
CA MET B 98 19.00 -12.91 -5.81
C MET B 98 20.42 -13.03 -5.32
N GLU B 99 20.97 -11.89 -4.89
CA GLU B 99 22.34 -11.88 -4.40
C GLU B 99 22.41 -12.61 -3.06
N GLU B 100 23.53 -13.27 -2.83
CA GLU B 100 23.79 -13.98 -1.57
C GLU B 100 25.17 -13.57 -1.06
N PRO B 101 25.27 -12.92 0.06
CA PRO B 101 24.17 -12.53 0.97
C PRO B 101 23.22 -11.49 0.36
N GLY B 102 21.99 -11.37 0.85
CA GLY B 102 21.07 -10.37 0.37
C GLY B 102 19.92 -10.02 1.30
N TYR B 103 18.78 -9.70 0.69
CA TYR B 103 17.57 -9.24 1.39
C TYR B 103 16.68 -10.46 1.61
N ARG B 104 16.71 -11.00 2.83
CA ARG B 104 15.93 -12.20 3.14
C ARG B 104 14.44 -11.98 2.88
N ARG B 105 13.91 -10.82 3.27
CA ARG B 105 12.48 -10.59 3.17
C ARG B 105 11.97 -10.77 1.72
N MET B 106 12.68 -10.20 0.73
CA MET B 106 12.25 -10.42 -0.64
C MET B 106 12.42 -11.89 -1.04
N TYR B 107 13.50 -12.54 -0.59
CA TYR B 107 13.64 -13.97 -0.79
C TYR B 107 12.39 -14.73 -0.32
N GLN B 108 11.93 -14.43 0.91
CA GLN B 108 10.76 -15.10 1.48
C GLN B 108 9.50 -14.80 0.68
N LEU B 109 9.32 -13.55 0.27
CA LEU B 109 8.19 -13.20 -0.58
C LEU B 109 8.18 -14.04 -1.86
N LEU B 110 9.34 -14.14 -2.53
CA LEU B 110 9.36 -14.88 -3.79
C LEU B 110 9.06 -16.36 -3.56
N LYS B 111 9.74 -16.98 -2.59
CA LYS B 111 9.48 -18.39 -2.30
C LYS B 111 8.02 -18.61 -1.90
N ASN B 112 7.45 -17.72 -1.08
CA ASN B 112 6.04 -17.91 -0.72
C ASN B 112 5.09 -17.77 -1.92
N ALA B 113 5.51 -17.10 -2.98
CA ALA B 113 4.73 -17.08 -4.21
C ALA B 113 4.99 -18.31 -5.07
N GLY B 114 5.78 -19.27 -4.57
CA GLY B 114 6.03 -20.47 -5.34
C GLY B 114 7.09 -20.36 -6.40
N LYS B 115 7.90 -19.29 -6.38
CA LYS B 115 8.89 -19.07 -7.42
C LYS B 115 10.17 -19.82 -7.10
N GLN B 116 10.77 -20.39 -8.14
CA GLN B 116 12.14 -20.87 -8.03
C GLN B 116 13.06 -19.67 -7.85
N VAL B 117 13.86 -19.63 -6.79
CA VAL B 117 14.79 -18.53 -6.54
C VAL B 117 16.20 -19.10 -6.45
N LYS B 118 17.06 -18.70 -7.36
CA LYS B 118 18.47 -19.01 -7.28
C LYS B 118 19.15 -18.01 -6.35
N THR B 119 20.18 -18.47 -5.65
CA THR B 119 21.00 -17.57 -4.84
C THR B 119 22.34 -17.42 -5.53
N ILE B 120 22.75 -16.18 -5.74
CA ILE B 120 23.88 -15.85 -6.59
C ILE B 120 24.92 -15.19 -5.71
N MET B 121 26.11 -15.77 -5.67
CA MET B 121 27.18 -15.25 -4.86
C MET B 121 27.75 -13.97 -5.48
N LEU B 122 28.53 -13.26 -4.67
CA LEU B 122 29.26 -12.08 -5.09
C LEU B 122 30.73 -12.39 -5.35
N ASP B 123 31.31 -11.68 -6.30
CA ASP B 123 32.76 -11.54 -6.38
C ASP B 123 33.08 -10.05 -6.16
N GLU B 124 34.31 -9.67 -6.49
CA GLU B 124 34.72 -8.31 -6.20
C GLU B 124 33.91 -7.28 -6.98
N LYS B 125 33.28 -7.69 -8.08
CA LYS B 125 32.47 -6.77 -8.86
C LYS B 125 30.98 -6.89 -8.56
N GLY B 126 30.61 -7.65 -7.53
CA GLY B 126 29.21 -7.75 -7.15
C GLY B 126 28.62 -9.04 -7.66
N MET B 127 27.30 -9.08 -7.90
CA MET B 127 26.60 -10.28 -8.34
C MET B 127 27.36 -11.00 -9.45
N SER B 128 27.57 -12.30 -9.26
CA SER B 128 28.44 -13.07 -10.12
C SER B 128 27.74 -13.36 -11.43
N ILE B 129 28.23 -12.75 -12.51
CA ILE B 129 27.72 -13.13 -13.81
C ILE B 129 28.04 -14.59 -14.09
N ALA B 130 29.18 -15.09 -13.59
CA ALA B 130 29.53 -16.49 -13.84
C ALA B 130 28.52 -17.43 -13.18
N GLU B 131 28.13 -17.13 -11.95
CA GLU B 131 27.11 -17.96 -11.31
C GLU B 131 25.75 -17.80 -11.98
N ILE B 132 25.43 -16.60 -12.48
CA ILE B 132 24.16 -16.40 -13.15
C ILE B 132 24.08 -17.29 -14.39
N THR B 133 25.12 -17.26 -15.22
CA THR B 133 25.06 -18.02 -16.46
C THR B 133 25.10 -19.52 -16.19
N ARG B 134 25.70 -19.93 -15.06
CA ARG B 134 25.69 -21.34 -14.68
C ARG B 134 24.30 -21.79 -14.26
N GLN B 135 23.65 -21.04 -13.37
CA GLN B 135 22.38 -21.48 -12.81
C GLN B 135 21.17 -21.11 -13.67
N GLN B 136 21.34 -20.31 -14.72
CA GLN B 136 20.29 -20.02 -15.69
C GLN B 136 18.94 -19.58 -15.11
N PRO B 137 18.90 -18.47 -14.38
CA PRO B 137 17.63 -17.85 -14.00
C PRO B 137 17.09 -17.02 -15.17
N ASP B 138 15.89 -16.46 -14.99
CA ASP B 138 15.35 -15.54 -15.99
C ASP B 138 15.35 -14.08 -15.55
N VAL B 139 15.20 -13.83 -14.25
CA VAL B 139 15.00 -12.50 -13.68
C VAL B 139 16.01 -12.32 -12.54
N LEU B 140 16.82 -11.28 -12.62
CA LEU B 140 17.81 -10.97 -11.60
C LEU B 140 17.31 -9.89 -10.67
N VAL B 141 17.66 -10.01 -9.40
CA VAL B 141 17.48 -8.94 -8.42
C VAL B 141 18.87 -8.52 -7.95
N THR B 142 19.19 -7.24 -8.09
CA THR B 142 20.56 -6.84 -7.86
C THR B 142 20.57 -5.43 -7.30
N THR B 143 21.62 -5.10 -6.56
CA THR B 143 21.75 -3.81 -5.87
C THR B 143 23.05 -3.15 -6.32
N PRO B 144 23.07 -2.61 -7.54
CA PRO B 144 24.35 -2.22 -8.14
C PRO B 144 24.99 -0.99 -7.50
N SER B 145 24.22 -0.10 -6.88
CA SER B 145 24.81 1.13 -6.40
C SER B 145 25.60 0.90 -5.11
N HIS B 146 25.23 -0.12 -4.34
CA HIS B 146 25.79 -0.37 -3.03
C HIS B 146 25.21 -1.70 -2.55
N GLN B 147 25.90 -2.81 -2.82
CA GLN B 147 25.29 -4.12 -2.62
C GLN B 147 24.85 -4.30 -1.19
N PHE B 148 23.63 -4.78 -1.01
CA PHE B 148 23.11 -5.00 0.32
C PHE B 148 23.31 -6.45 0.73
N PRO B 149 24.13 -6.73 1.75
CA PRO B 149 24.84 -5.81 2.64
C PRO B 149 26.33 -5.62 2.38
N SER B 150 27.02 -6.43 1.57
CA SER B 150 28.47 -6.31 1.42
C SER B 150 28.93 -4.91 1.04
N GLY B 151 28.08 -4.10 0.40
CA GLY B 151 28.45 -2.75 0.07
C GLY B 151 29.30 -2.58 -1.17
N THR B 152 29.59 -3.65 -1.91
CA THR B 152 30.28 -3.52 -3.18
C THR B 152 29.47 -2.67 -4.16
N ILE B 153 30.13 -1.69 -4.78
CA ILE B 153 29.56 -0.94 -5.90
C ILE B 153 29.89 -1.67 -7.19
N MET B 154 28.87 -2.21 -7.85
CA MET B 154 29.12 -2.93 -9.10
C MET B 154 29.71 -1.95 -10.11
N PRO B 155 30.84 -2.26 -10.72
CA PRO B 155 31.42 -1.34 -11.69
C PRO B 155 30.74 -1.49 -13.04
N VAL B 156 30.98 -0.50 -13.92
CA VAL B 156 30.31 -0.47 -15.21
C VAL B 156 30.46 -1.80 -15.92
N SER B 157 31.67 -2.37 -15.92
CA SER B 157 31.94 -3.53 -16.77
C SER B 157 31.07 -4.71 -16.39
N ARG B 158 30.79 -4.89 -15.09
CA ARG B 158 29.92 -6.00 -14.71
C ARG B 158 28.45 -5.67 -14.98
N ARG B 159 28.08 -4.39 -14.87
CA ARG B 159 26.74 -3.94 -15.30
C ARG B 159 26.49 -4.31 -16.75
N ILE B 160 27.47 -4.09 -17.62
CA ILE B 160 27.35 -4.43 -19.02
C ILE B 160 27.30 -5.94 -19.23
N GLN B 161 27.99 -6.72 -18.38
CA GLN B 161 27.90 -8.17 -18.55
C GLN B 161 26.49 -8.63 -18.23
N LEU B 162 25.85 -8.00 -17.23
CA LEU B 162 24.47 -8.31 -16.87
C LEU B 162 23.50 -7.89 -17.98
N LEU B 163 23.65 -6.67 -18.51
CA LEU B 163 22.79 -6.20 -19.60
C LEU B 163 22.93 -7.11 -20.81
N ASN B 164 24.17 -7.44 -21.17
CA ASN B 164 24.37 -8.37 -22.26
C ASN B 164 23.64 -9.67 -21.97
N TRP B 165 23.88 -10.25 -20.80
CA TRP B 165 23.22 -11.50 -20.48
C TRP B 165 21.69 -11.39 -20.68
N ALA B 166 21.07 -10.35 -20.13
CA ALA B 166 19.62 -10.20 -20.26
C ALA B 166 19.19 -10.06 -21.73
N ALA B 167 19.99 -9.40 -22.58
CA ALA B 167 19.56 -9.23 -23.96
C ALA B 167 19.66 -10.51 -24.78
N GLU B 168 20.37 -11.53 -24.29
CA GLU B 168 20.64 -12.67 -25.16
C GLU B 168 19.44 -13.58 -25.38
N GLU B 169 18.53 -13.67 -24.43
CA GLU B 169 17.39 -14.57 -24.55
C GLU B 169 16.12 -13.87 -24.14
N PRO B 170 14.99 -14.28 -24.71
CA PRO B 170 13.72 -13.62 -24.36
C PRO B 170 13.32 -13.89 -22.92
N ARG B 171 12.64 -12.92 -22.33
CA ARG B 171 11.99 -13.02 -21.03
C ARG B 171 13.00 -12.91 -19.89
N ARG B 172 14.24 -12.51 -20.16
CA ARG B 172 15.13 -12.09 -19.07
C ARG B 172 14.87 -10.65 -18.69
N TYR B 173 15.02 -10.38 -17.41
CA TYR B 173 14.86 -9.04 -16.86
C TYR B 173 15.86 -8.85 -15.75
N ILE B 174 16.20 -7.58 -15.52
CA ILE B 174 17.05 -7.16 -14.40
C ILE B 174 16.24 -6.20 -13.56
N ILE B 175 16.02 -6.54 -12.29
CA ILE B 175 15.40 -5.64 -11.35
C ILE B 175 16.52 -4.90 -10.64
N GLU B 176 16.61 -3.59 -10.88
CA GLU B 176 17.62 -2.76 -10.23
C GLU B 176 16.99 -2.19 -8.97
N ASP B 177 17.37 -2.75 -7.83
CA ASP B 177 16.90 -2.27 -6.55
C ASP B 177 17.88 -1.21 -6.06
N ASP B 178 17.49 0.06 -6.18
CA ASP B 178 18.38 1.19 -5.92
C ASP B 178 18.22 1.74 -4.52
N TYR B 179 17.98 0.90 -3.52
CA TYR B 179 17.90 1.32 -2.14
C TYR B 179 19.17 2.10 -1.73
N ASP B 180 19.05 2.97 -0.72
CA ASP B 180 20.19 3.67 -0.11
CA ASP B 180 20.20 3.64 -0.12
C ASP B 180 21.15 4.20 -1.17
N SER B 181 20.59 4.76 -2.23
CA SER B 181 21.35 5.32 -3.32
C SER B 181 21.42 6.85 -3.28
N GLU B 182 20.80 7.47 -2.28
CA GLU B 182 20.85 8.92 -2.14
C GLU B 182 22.20 9.43 -1.64
N PHE B 183 23.19 8.56 -1.40
CA PHE B 183 24.46 8.99 -0.82
C PHE B 183 25.63 8.24 -1.45
N THR B 184 26.64 8.99 -1.91
CA THR B 184 27.94 8.45 -2.27
C THR B 184 29.02 9.35 -1.66
N TYR B 185 30.20 8.79 -1.43
CA TYR B 185 31.25 9.49 -0.68
C TYR B 185 32.57 9.50 -1.45
N ASP B 186 32.82 10.59 -2.18
CA ASP B 186 34.15 10.92 -2.69
C ASP B 186 34.62 9.99 -3.81
N VAL B 187 33.85 8.93 -4.10
CA VAL B 187 34.18 8.02 -5.19
C VAL B 187 32.89 7.40 -5.70
N ASP B 188 32.96 6.82 -6.90
CA ASP B 188 31.89 6.01 -7.49
C ASP B 188 30.56 6.77 -7.54
N SER B 189 30.61 7.99 -8.06
CA SER B 189 29.39 8.71 -8.39
C SER B 189 28.79 8.14 -9.68
N ILE B 190 28.55 6.83 -9.70
CA ILE B 190 28.13 6.09 -10.91
C ILE B 190 26.61 6.10 -11.02
N PRO B 191 26.06 6.45 -12.17
CA PRO B 191 24.59 6.50 -12.31
C PRO B 191 23.97 5.10 -12.28
N ALA B 192 22.63 5.10 -12.26
CA ALA B 192 21.86 3.87 -12.22
C ALA B 192 22.26 2.92 -13.32
N LEU B 193 22.21 1.61 -13.01
CA LEU B 193 22.38 0.60 -14.05
C LEU B 193 21.39 0.81 -15.20
N GLN B 194 20.17 1.25 -14.86
CA GLN B 194 19.13 1.47 -15.86
C GLN B 194 19.53 2.52 -16.89
N SER B 195 20.42 3.45 -16.54
CA SER B 195 20.84 4.47 -17.51
C SER B 195 21.58 3.88 -18.71
N LEU B 196 22.01 2.62 -18.64
CA LEU B 196 22.67 1.91 -19.75
C LEU B 196 21.74 0.94 -20.47
N ASP B 197 20.47 0.87 -20.09
CA ASP B 197 19.60 -0.20 -20.57
C ASP B 197 19.07 0.12 -21.97
N ARG B 198 19.97 0.03 -22.97
CA ARG B 198 19.56 0.27 -24.35
C ARG B 198 18.40 -0.62 -24.79
N PHE B 199 18.27 -1.81 -24.22
CA PHE B 199 17.33 -2.79 -24.77
C PHE B 199 16.13 -3.02 -23.86
N GLN B 200 15.95 -2.20 -22.84
CA GLN B 200 14.71 -2.22 -22.05
C GLN B 200 14.56 -3.52 -21.26
N ASN B 201 15.65 -4.05 -20.73
CA ASN B 201 15.55 -5.22 -19.88
C ASN B 201 15.46 -4.88 -18.40
N VAL B 202 15.51 -3.61 -18.03
CA VAL B 202 15.67 -3.24 -16.62
C VAL B 202 14.36 -2.68 -16.07
N ILE B 203 14.03 -3.09 -14.87
CA ILE B 203 13.00 -2.47 -14.05
C ILE B 203 13.73 -1.76 -12.92
N TYR B 204 13.63 -0.42 -12.90
CA TYR B 204 14.24 0.39 -11.86
C TYR B 204 13.30 0.47 -10.66
N MET B 205 13.83 0.17 -9.48
CA MET B 205 13.09 0.16 -8.23
C MET B 205 13.73 1.18 -7.29
N GLY B 206 12.99 2.22 -6.93
CA GLY B 206 13.51 3.22 -6.01
C GLY B 206 12.56 3.41 -4.85
N THR B 207 13.08 4.05 -3.80
CA THR B 207 12.31 4.22 -2.58
C THR B 207 12.73 5.52 -1.90
N PHE B 208 11.77 6.17 -1.24
CA PHE B 208 12.05 7.34 -0.42
C PHE B 208 12.10 7.01 1.08
N SER B 209 11.70 5.80 1.47
CA SER B 209 11.44 5.47 2.87
C SER B 209 12.66 5.64 3.77
N LYS B 210 13.86 5.74 3.21
CA LYS B 210 15.04 6.10 3.99
C LYS B 210 15.22 7.62 4.08
N SER B 211 14.69 8.36 3.11
CA SER B 211 14.92 9.79 2.99
C SER B 211 13.90 10.64 3.71
N LEU B 212 12.74 10.09 4.05
CA LEU B 212 11.63 10.96 4.44
C LEU B 212 11.13 10.67 5.85
N LEU B 213 9.84 10.97 6.08
CA LEU B 213 9.24 10.88 7.40
C LEU B 213 9.35 9.45 7.94
N PRO B 214 9.84 9.26 9.16
CA PRO B 214 9.89 7.92 9.75
C PRO B 214 8.51 7.28 9.83
N GLY B 215 8.43 6.01 9.41
CA GLY B 215 7.17 5.31 9.38
C GLY B 215 6.41 5.43 8.07
N LEU B 216 6.87 6.27 7.15
CA LEU B 216 6.21 6.52 5.87
C LEU B 216 6.87 5.68 4.79
N ARG B 217 6.06 5.00 3.98
CA ARG B 217 6.56 4.14 2.91
C ARG B 217 6.04 4.69 1.57
N ILE B 218 6.95 5.27 0.79
CA ILE B 218 6.66 5.70 -0.57
C ILE B 218 7.75 5.13 -1.46
N SER B 219 7.38 4.28 -2.40
CA SER B 219 8.33 3.68 -3.30
C SER B 219 7.80 3.78 -4.72
N TYR B 220 8.69 3.56 -5.69
CA TYR B 220 8.29 3.63 -7.09
C TYR B 220 9.11 2.64 -7.90
N MET B 221 8.58 2.36 -9.07
CA MET B 221 9.04 1.29 -9.94
C MET B 221 8.89 1.82 -11.37
N VAL B 222 9.96 1.74 -12.16
CA VAL B 222 9.91 2.16 -13.56
C VAL B 222 9.91 0.92 -14.44
N LEU B 223 8.85 0.75 -15.24
CA LEU B 223 8.61 -0.49 -15.98
C LEU B 223 8.92 -0.30 -17.45
N PRO B 224 9.67 -1.23 -18.06
CA PRO B 224 9.85 -1.20 -19.49
C PRO B 224 8.53 -1.45 -20.19
N PRO B 225 8.40 -1.02 -21.45
CA PRO B 225 7.09 -1.02 -22.13
C PRO B 225 6.32 -2.32 -22.06
N GLU B 226 6.95 -3.48 -22.26
CA GLU B 226 6.17 -4.71 -22.26
C GLU B 226 5.54 -4.99 -20.91
N LEU B 227 6.26 -4.69 -19.82
CA LEU B 227 5.65 -4.88 -18.50
C LEU B 227 4.62 -3.79 -18.21
N LEU B 228 4.89 -2.53 -18.56
CA LEU B 228 3.85 -1.49 -18.49
C LEU B 228 2.58 -1.95 -19.23
N ARG B 229 2.74 -2.39 -20.48
CA ARG B 229 1.59 -2.92 -21.21
C ARG B 229 0.88 -4.02 -20.44
N ALA B 230 1.65 -4.93 -19.80
CA ALA B 230 1.04 -5.99 -19.00
C ALA B 230 0.29 -5.42 -17.82
N TYR B 231 0.85 -4.38 -17.21
CA TYR B 231 0.17 -3.73 -16.09
C TYR B 231 -1.15 -3.09 -16.53
N LYS B 232 -1.15 -2.41 -17.68
CA LYS B 232 -2.36 -1.77 -18.18
C LYS B 232 -3.42 -2.77 -18.57
N GLN B 233 -3.02 -4.03 -18.83
CA GLN B 233 -3.98 -5.08 -19.15
C GLN B 233 -4.80 -5.49 -17.96
N ARG B 234 -4.33 -5.20 -16.75
CA ARG B 234 -5.03 -5.71 -15.57
C ARG B 234 -6.34 -4.96 -15.38
N GLY B 235 -6.26 -3.63 -15.30
CA GLY B 235 -7.43 -2.79 -15.21
C GLY B 235 -8.10 -2.73 -13.86
N TYR B 236 -7.46 -3.17 -12.79
CA TYR B 236 -8.17 -3.21 -11.52
C TYR B 236 -7.38 -2.69 -10.33
N ASP B 237 -6.11 -2.32 -10.50
CA ASP B 237 -5.26 -1.92 -9.39
C ASP B 237 -5.70 -0.58 -8.82
N LEU B 238 -5.54 -0.45 -7.51
CA LEU B 238 -5.80 0.80 -6.81
C LEU B 238 -4.48 1.27 -6.20
N GLN B 239 -4.18 2.55 -6.36
CA GLN B 239 -2.99 3.15 -5.79
C GLN B 239 -3.01 2.98 -4.28
N THR B 240 -1.89 2.50 -3.70
CA THR B 240 -1.82 2.25 -2.27
C THR B 240 -1.28 3.45 -1.47
N CYS B 241 -0.64 4.41 -2.11
CA CYS B 241 -0.12 5.59 -1.40
CA CYS B 241 -0.12 5.58 -1.41
C CYS B 241 -1.20 6.65 -1.35
N SER B 242 -1.44 7.16 -0.14
CA SER B 242 -2.43 8.21 0.05
C SER B 242 -2.15 9.35 -0.92
N SER B 243 -3.21 9.86 -1.55
CA SER B 243 -3.06 10.97 -2.49
C SER B 243 -2.37 12.15 -1.84
N LEU B 244 -2.71 12.43 -0.58
CA LEU B 244 -2.11 13.60 0.06
C LEU B 244 -0.66 13.33 0.46
N THR B 245 -0.30 12.08 0.71
CA THR B 245 1.11 11.80 0.91
C THR B 245 1.90 11.99 -0.38
N GLN B 246 1.34 11.54 -1.49
CA GLN B 246 1.90 11.83 -2.80
C GLN B 246 2.07 13.33 -3.03
N LEU B 247 1.00 14.11 -2.77
CA LEU B 247 1.11 15.55 -3.01
C LEU B 247 2.07 16.21 -2.05
N THR B 248 2.20 15.70 -0.82
CA THR B 248 3.21 16.28 0.06
C THR B 248 4.58 16.03 -0.52
N LEU B 249 4.88 14.78 -0.90
CA LEU B 249 6.18 14.48 -1.50
C LEU B 249 6.45 15.40 -2.67
N GLN B 250 5.44 15.59 -3.54
CA GLN B 250 5.62 16.49 -4.67
C GLN B 250 5.98 17.90 -4.21
N GLU B 251 5.27 18.44 -3.21
CA GLU B 251 5.64 19.76 -2.70
C GLU B 251 7.04 19.74 -2.07
N PHE B 252 7.34 18.69 -1.30
CA PHE B 252 8.67 18.56 -0.70
C PHE B 252 9.75 18.66 -1.78
N ILE B 253 9.51 18.04 -2.93
CA ILE B 253 10.51 18.05 -4.00
C ILE B 253 10.55 19.40 -4.69
N GLU B 254 9.40 19.87 -5.18
CA GLU B 254 9.38 21.04 -6.04
C GLU B 254 9.60 22.34 -5.30
N SER B 255 9.50 22.32 -3.97
CA SER B 255 9.87 23.46 -3.14
C SER B 255 11.35 23.52 -2.89
N GLY B 256 12.11 22.52 -3.35
CA GLY B 256 13.51 22.43 -3.01
C GLY B 256 13.80 21.85 -1.65
N GLU B 257 12.80 21.77 -0.78
CA GLU B 257 13.03 21.21 0.55
C GLU B 257 13.70 19.85 0.47
N TYR B 258 13.29 19.01 -0.48
CA TYR B 258 13.82 17.64 -0.54
C TYR B 258 15.32 17.63 -0.80
N GLN B 259 15.77 18.39 -1.81
CA GLN B 259 17.19 18.39 -2.13
C GLN B 259 18.01 19.11 -1.06
N LYS B 260 17.45 20.14 -0.44
CA LYS B 260 18.13 20.78 0.68
C LYS B 260 18.41 19.75 1.77
N HIS B 261 17.41 18.92 2.09
CA HIS B 261 17.56 17.92 3.14
C HIS B 261 18.63 16.90 2.79
N ILE B 262 18.68 16.49 1.51
CA ILE B 262 19.65 15.48 1.10
C ILE B 262 21.07 16.04 1.15
N LYS B 263 21.26 17.28 0.70
CA LYS B 263 22.59 17.88 0.78
C LYS B 263 23.07 17.91 2.22
N LYS B 264 22.22 18.37 3.14
CA LYS B 264 22.58 18.40 4.55
C LYS B 264 22.88 16.99 5.07
N MET B 265 21.92 16.08 4.93
CA MET B 265 22.10 14.71 5.39
C MET B 265 23.36 14.08 4.82
N LYS B 266 23.56 14.19 3.51
CA LYS B 266 24.76 13.63 2.91
C LYS B 266 26.01 14.17 3.61
N GLN B 267 26.09 15.48 3.78
CA GLN B 267 27.22 16.06 4.51
C GLN B 267 27.34 15.46 5.91
N HIS B 268 26.22 15.43 6.65
CA HIS B 268 26.22 14.84 7.99
C HIS B 268 26.75 13.41 7.97
N TYR B 269 26.31 12.62 6.99
CA TYR B 269 26.70 11.22 6.98
C TYR B 269 28.15 11.05 6.51
N LYS B 270 28.62 11.90 5.60
CA LYS B 270 30.02 11.80 5.17
C LYS B 270 30.96 12.10 6.33
N GLU B 271 30.65 13.10 7.15
CA GLU B 271 31.47 13.41 8.32
C GLU B 271 31.35 12.33 9.38
N LYS B 272 30.12 11.88 9.66
CA LYS B 272 29.94 10.84 10.64
C LYS B 272 30.69 9.58 10.24
N ARG B 273 30.60 9.21 8.95
CA ARG B 273 31.32 8.04 8.46
C ARG B 273 32.82 8.23 8.60
N GLU B 274 33.32 9.39 8.15
CA GLU B 274 34.74 9.73 8.32
C GLU B 274 35.17 9.61 9.78
N ARG B 275 34.47 10.31 10.68
CA ARG B 275 34.82 10.25 12.10
C ARG B 275 34.76 8.82 12.62
N LEU B 276 33.74 8.07 12.21
CA LEU B 276 33.62 6.69 12.66
C LEU B 276 34.74 5.81 12.08
N ILE B 277 35.20 6.12 10.86
CA ILE B 277 36.29 5.36 10.29
C ILE B 277 37.58 5.69 11.02
N THR B 278 37.90 6.98 11.18
CA THR B 278 39.08 7.37 11.94
C THR B 278 39.10 6.70 13.31
N ALA B 279 37.93 6.59 13.96
CA ALA B 279 37.89 5.99 15.28
C ALA B 279 38.16 4.51 15.22
N LEU B 280 37.46 3.79 14.34
CA LEU B 280 37.72 2.36 14.17
C LEU B 280 39.19 2.11 13.87
N GLU B 281 39.79 2.98 13.05
CA GLU B 281 41.19 2.81 12.66
C GLU B 281 42.13 3.10 13.82
N ALA B 282 41.79 4.08 14.66
CA ALA B 282 42.59 4.35 15.84
C ALA B 282 42.47 3.21 16.85
N GLU B 283 41.24 2.81 17.17
CA GLU B 283 41.03 1.80 18.20
C GLU B 283 41.66 0.48 17.81
N PHE B 284 41.50 0.07 16.54
CA PHE B 284 41.90 -1.27 16.10
C PHE B 284 43.25 -1.31 15.38
N SER B 285 43.76 -0.16 14.91
CA SER B 285 45.14 0.01 14.45
C SER B 285 45.56 -1.00 13.39
N GLY B 286 44.61 -1.60 12.67
CA GLY B 286 44.92 -2.58 11.64
C GLY B 286 44.33 -3.94 11.88
N GLU B 287 43.99 -4.28 13.14
CA GLU B 287 43.25 -5.50 13.41
C GLU B 287 41.78 -5.42 12.95
N VAL B 288 41.42 -4.42 12.14
CA VAL B 288 40.10 -4.32 11.53
C VAL B 288 40.27 -4.07 10.04
N THR B 289 39.42 -4.70 9.23
CA THR B 289 39.37 -4.42 7.80
C THR B 289 38.00 -3.86 7.46
N VAL B 290 38.00 -2.64 6.96
CA VAL B 290 36.79 -1.96 6.55
C VAL B 290 36.64 -2.15 5.06
N LYS B 291 35.44 -2.56 4.64
CA LYS B 291 35.14 -2.67 3.22
C LYS B 291 33.67 -2.32 2.99
N GLY B 292 33.39 -1.83 1.79
CA GLY B 292 32.02 -1.56 1.38
C GLY B 292 31.54 -0.19 1.78
N ALA B 293 32.46 0.72 2.07
CA ALA B 293 32.11 2.11 2.36
C ALA B 293 32.05 2.85 1.03
N ASN B 294 32.07 4.18 1.10
CA ASN B 294 32.04 5.09 -0.04
C ASN B 294 30.61 5.35 -0.53
N ALA B 295 29.61 4.68 0.03
CA ALA B 295 28.21 4.93 -0.34
C ALA B 295 27.30 4.32 0.72
N GLY B 296 26.09 4.86 0.84
CA GLY B 296 25.10 4.24 1.68
C GLY B 296 25.24 4.63 3.14
N LEU B 297 24.65 3.80 4.00
CA LEU B 297 24.62 4.12 5.43
C LEU B 297 25.16 2.99 6.28
N HIS B 298 25.85 2.03 5.68
CA HIS B 298 26.54 1.00 6.43
C HIS B 298 27.79 0.63 5.67
N PHE B 299 28.69 -0.07 6.36
CA PHE B 299 29.83 -0.71 5.71
C PHE B 299 30.07 -2.00 6.46
N VAL B 300 31.14 -2.71 6.12
CA VAL B 300 31.42 -4.00 6.73
C VAL B 300 32.78 -3.94 7.43
N THR B 301 32.87 -4.59 8.58
CA THR B 301 34.13 -4.68 9.31
C THR B 301 34.47 -6.14 9.51
N GLU B 302 35.65 -6.53 9.04
CA GLU B 302 36.26 -7.82 9.32
C GLU B 302 37.26 -7.65 10.47
N PHE B 303 37.24 -8.56 11.44
CA PHE B 303 37.93 -8.35 12.72
C PHE B 303 38.99 -9.41 13.01
N ASP B 304 40.16 -8.92 13.38
CA ASP B 304 41.40 -9.62 13.65
C ASP B 304 41.41 -10.49 14.90
N THR B 305 40.45 -11.40 15.05
CA THR B 305 40.18 -11.90 16.39
C THR B 305 39.84 -13.39 16.38
N ARG B 306 40.41 -14.12 17.34
CA ARG B 306 40.06 -15.51 17.56
C ARG B 306 38.62 -15.69 18.03
N ARG B 307 37.93 -14.61 18.39
CA ARG B 307 36.57 -14.71 18.86
C ARG B 307 35.64 -15.11 17.71
N THR B 308 34.52 -15.74 18.07
CA THR B 308 33.50 -16.10 17.10
C THR B 308 32.65 -14.89 16.73
N GLU B 309 32.26 -14.79 15.47
CA GLU B 309 31.30 -13.77 15.08
C GLU B 309 30.12 -13.78 16.05
N GLN B 310 29.75 -14.96 16.54
CA GLN B 310 28.64 -15.02 17.48
C GLN B 310 29.08 -14.66 18.91
N ASP B 311 30.35 -14.89 19.24
CA ASP B 311 30.86 -14.43 20.52
C ASP B 311 30.90 -12.91 20.57
N ILE B 312 31.28 -12.28 19.45
CA ILE B 312 31.30 -10.82 19.40
C ILE B 312 29.90 -10.28 19.51
N LEU B 313 28.94 -10.94 18.88
CA LEU B 313 27.58 -10.43 18.88
C LEU B 313 26.95 -10.51 20.27
N SER B 314 27.22 -11.59 21.00
CA SER B 314 26.59 -11.76 22.31
C SER B 314 27.28 -10.90 23.37
N HIS B 315 28.61 -10.77 23.32
CA HIS B 315 29.28 -9.76 24.14
C HIS B 315 28.76 -8.37 23.82
N ALA B 316 28.36 -8.12 22.56
CA ALA B 316 27.89 -6.79 22.16
C ALA B 316 26.56 -6.46 22.82
N ALA B 317 25.60 -7.38 22.82
CA ALA B 317 24.43 -7.14 23.66
C ALA B 317 24.83 -6.90 25.12
N GLY B 318 25.86 -7.59 25.58
CA GLY B 318 26.37 -7.42 26.94
C GLY B 318 26.97 -6.05 27.22
N LEU B 319 27.26 -5.27 26.18
CA LEU B 319 27.75 -3.91 26.35
C LEU B 319 26.73 -2.87 25.91
N GLN B 320 25.49 -3.30 25.67
CA GLN B 320 24.45 -2.42 25.15
C GLN B 320 24.90 -1.80 23.84
N LEU B 321 25.44 -2.64 22.96
CA LEU B 321 25.79 -2.28 21.60
C LEU B 321 24.92 -3.09 20.65
N GLU B 322 24.03 -2.42 19.89
CA GLU B 322 23.17 -3.08 18.93
C GLU B 322 23.89 -3.17 17.59
N ILE B 323 24.33 -4.38 17.24
CA ILE B 323 25.14 -4.63 16.05
C ILE B 323 24.62 -5.91 15.38
N PHE B 324 24.94 -6.06 14.09
CA PHE B 324 24.45 -7.19 13.32
C PHE B 324 25.59 -7.92 12.63
N GLY B 325 25.50 -9.24 12.60
CA GLY B 325 26.49 -10.05 11.91
C GLY B 325 26.11 -10.32 10.45
N MET B 326 27.14 -10.43 9.62
CA MET B 326 26.94 -10.78 8.22
C MET B 326 26.07 -12.03 8.06
N SER B 327 26.19 -12.96 9.00
CA SER B 327 25.49 -14.24 8.92
C SER B 327 23.98 -14.07 8.80
N ARG B 328 23.43 -12.94 9.23
CA ARG B 328 21.98 -12.78 9.20
C ARG B 328 21.46 -12.45 7.81
N PHE B 329 22.35 -12.16 6.86
CA PHE B 329 21.94 -11.83 5.51
C PHE B 329 22.11 -12.98 4.54
N ASN B 330 22.34 -14.20 5.03
CA ASN B 330 22.25 -15.36 4.16
C ASN B 330 20.80 -15.65 3.86
N LEU B 331 20.51 -15.96 2.60
CA LEU B 331 19.15 -16.37 2.26
C LEU B 331 18.92 -17.82 2.66
N LYS B 332 19.82 -18.71 2.24
CA LYS B 332 19.75 -20.16 2.47
C LYS B 332 19.12 -20.84 1.26
N THR B 338 32.29 -18.23 7.12
CA THR B 338 32.62 -19.33 8.03
C THR B 338 34.06 -19.21 8.53
N GLY B 339 34.61 -18.00 8.50
CA GLY B 339 35.97 -17.78 8.97
C GLY B 339 36.10 -16.56 9.86
N ARG B 340 36.89 -15.58 9.41
CA ARG B 340 37.10 -14.36 10.17
C ARG B 340 35.76 -13.66 10.39
N PRO B 341 35.51 -13.12 11.60
CA PRO B 341 34.19 -12.52 11.88
C PRO B 341 33.97 -11.20 11.16
N ALA B 342 32.78 -11.07 10.54
CA ALA B 342 32.40 -9.87 9.77
C ALA B 342 31.10 -9.30 10.29
N LEU B 343 31.10 -7.98 10.55
CA LEU B 343 29.93 -7.29 11.10
C LEU B 343 29.48 -6.14 10.20
N ILE B 344 28.17 -5.93 10.19
CA ILE B 344 27.54 -4.78 9.53
C ILE B 344 27.53 -3.59 10.48
N ILE B 345 28.28 -2.55 10.14
CA ILE B 345 28.21 -1.30 10.88
C ILE B 345 27.26 -0.36 10.13
N GLY B 346 26.07 -0.14 10.68
CA GLY B 346 25.15 0.88 10.19
C GLY B 346 25.22 2.12 11.06
N PHE B 347 25.42 3.28 10.43
CA PHE B 347 25.57 4.52 11.18
C PHE B 347 24.38 5.46 11.01
N ALA B 348 23.21 4.92 10.65
CA ALA B 348 22.06 5.77 10.42
C ALA B 348 21.58 6.42 11.71
N ARG B 349 21.26 5.61 12.71
CA ARG B 349 20.82 6.10 14.02
C ARG B 349 21.96 6.13 15.04
N LEU B 350 23.16 6.54 14.66
CA LEU B 350 24.28 6.59 15.59
C LEU B 350 24.62 8.04 15.93
N LYS B 351 24.61 8.37 17.22
CA LYS B 351 24.90 9.74 17.61
C LYS B 351 26.39 10.02 17.55
N GLU B 352 26.74 11.19 17.02
CA GLU B 352 28.14 11.61 17.01
C GLU B 352 28.74 11.57 18.40
N GLU B 353 27.92 11.88 19.42
CA GLU B 353 28.35 11.74 20.81
C GLU B 353 28.80 10.32 21.11
N ASP B 354 28.22 9.34 20.42
CA ASP B 354 28.39 7.93 20.74
C ASP B 354 29.46 7.23 19.91
N ILE B 355 30.15 7.94 19.02
CA ILE B 355 31.09 7.27 18.13
C ILE B 355 32.28 6.73 18.90
N GLN B 356 32.89 7.57 19.76
CA GLN B 356 34.07 7.13 20.50
C GLN B 356 33.73 6.02 21.47
N GLU B 357 32.62 6.15 22.20
CA GLU B 357 32.19 5.06 23.07
C GLU B 357 31.88 3.80 22.26
N GLY B 358 31.19 3.98 21.13
CA GLY B 358 30.74 2.83 20.36
C GLY B 358 31.89 1.95 19.91
N VAL B 359 32.94 2.56 19.37
CA VAL B 359 34.06 1.75 18.90
C VAL B 359 34.81 1.13 20.07
N GLN B 360 34.82 1.79 21.23
CA GLN B 360 35.49 1.19 22.39
C GLN B 360 34.70 0.00 22.93
N ARG B 361 33.38 0.11 22.95
CA ARG B 361 32.58 -1.04 23.30
C ARG B 361 32.80 -2.16 22.30
N LEU B 362 32.91 -1.80 21.01
CA LEU B 362 33.09 -2.81 19.98
C LEU B 362 34.42 -3.53 20.15
N PHE B 363 35.48 -2.77 20.45
CA PHE B 363 36.79 -3.35 20.73
C PHE B 363 36.74 -4.41 21.83
N LYS B 364 35.83 -4.26 22.79
CA LYS B 364 35.72 -5.27 23.85
C LYS B 364 34.70 -6.33 23.50
N ALA B 365 33.80 -6.04 22.58
CA ALA B 365 33.02 -7.10 21.95
C ALA B 365 33.93 -8.07 21.19
N VAL B 366 34.93 -7.53 20.49
CA VAL B 366 35.75 -8.31 19.58
C VAL B 366 36.81 -9.08 20.36
N TYR B 367 37.50 -8.41 21.27
CA TYR B 367 38.63 -8.98 21.97
C TYR B 367 38.33 -9.41 23.40
N GLY B 368 37.22 -8.98 23.99
CA GLY B 368 36.90 -9.30 25.36
C GLY B 368 37.51 -8.36 26.38
N HIS B 369 38.65 -7.76 26.06
CA HIS B 369 39.22 -6.73 26.92
C HIS B 369 39.07 -5.34 26.32
C1 GOL C . -34.46 -15.80 2.03
O1 GOL C . -34.59 -15.90 3.42
C2 GOL C . -35.73 -16.48 1.39
O2 GOL C . -36.95 -15.95 1.82
C3 GOL C . -35.57 -16.44 -0.17
O3 GOL C . -34.66 -17.46 -0.54
C01 A1AEJ D . -16.63 -1.31 -3.50
C02 A1AEJ D . -16.70 -2.49 -2.72
C04 A1AEJ D . -14.56 -2.17 -1.88
C05 A1AEJ D . -14.45 -0.99 -2.64
C06 A1AEJ D . -15.48 -0.56 -3.47
C07 A1AEJ D . -15.38 0.76 -4.29
C08 A1AEJ D . -17.98 -3.34 -2.76
C10 A1AEJ D . -13.18 -0.13 -2.62
C11 A1AEJ D . -12.55 0.00 -1.47
C12 A1AEJ D . -11.36 0.65 -0.79
C18 A1AEJ D . -14.42 2.28 -5.88
C19 A1AEJ D . -14.80 3.43 -4.93
C20 A1AEJ D . -15.36 2.39 -7.09
C21 A1AEJ D . -16.12 1.09 -7.46
C22 A1AEJ D . -16.06 0.93 -8.99
C26 A1AEJ D . -14.07 4.62 -3.05
C27 A1AEJ D . -14.19 4.23 -1.72
C28 A1AEJ D . -14.54 5.19 -0.77
C29 A1AEJ D . -14.76 6.52 -1.13
C30 A1AEJ D . -14.65 6.90 -2.46
C31 A1AEJ D . -14.30 5.95 -3.41
N03 A1AEJ D . -15.69 -2.87 -1.95
N13 A1AEJ D . -11.12 0.72 0.53
N14 A1AEJ D . -9.98 1.42 0.68
N15 A1AEJ D . -9.54 1.76 -0.49
N16 A1AEJ D . -10.38 1.31 -1.44
N17 A1AEJ D . -14.48 0.99 -5.16
O09 A1AEJ D . -17.69 -0.88 -4.31
O23 A1AEJ D . -16.86 1.58 -9.72
O24 A1AEJ D . -15.18 0.17 -9.51
O25 A1AEJ D . -13.73 3.67 -4.04
C1 GOL E . 3.88 -11.09 8.63
O1 GOL E . 4.14 -11.87 7.51
C2 GOL E . 3.28 -12.04 9.66
O2 GOL E . 3.91 -13.31 9.75
C3 GOL E . 3.33 -11.31 11.02
O3 GOL E . 3.01 -12.34 11.92
N LYS F . 40.12 -3.41 27.99
CA LYS F . 39.81 -2.60 26.81
C LYS F . 41.09 -2.34 26.01
O LYS F . 42.00 -3.16 26.01
CB LYS F . 39.16 -1.28 27.23
N LYS G . 41.11 -1.20 25.32
CA LYS G . 42.32 -0.63 24.70
C LYS G . 42.37 -0.89 23.20
O LYS G . 43.18 -0.28 22.48
CB LYS G . 43.60 -1.16 25.36
CG LYS G . 43.86 -0.66 26.76
CD LYS G . 45.23 -1.09 27.29
CE LYS G . 46.34 -0.80 26.29
NZ LYS G . 46.27 0.60 25.80
C01 A1AEJ H . 16.91 -3.77 1.19
C02 A1AEJ H . 17.00 -3.83 -0.21
C04 A1AEJ H . 14.96 -2.73 -0.47
C05 A1AEJ H . 14.84 -2.64 0.92
C06 A1AEJ H . 15.82 -3.14 1.76
C07 A1AEJ H . 15.58 -3.07 3.29
C08 A1AEJ H . 18.21 -4.51 -0.86
C10 A1AEJ H . 13.68 -2.01 1.70
C11 A1AEJ H . 12.75 -1.32 1.07
C12 A1AEJ H . 11.47 -0.54 1.34
C18 A1AEJ H . 15.86 -3.20 5.56
C19 A1AEJ H . 16.71 -2.43 6.56
C20 A1AEJ H . 15.78 -4.65 6.04
C21 A1AEJ H . 17.14 -5.13 6.58
C22 A1AEJ H . 17.19 -6.67 6.69
C26 A1AEJ H . 17.48 -0.61 5.40
C27 A1AEJ H . 17.11 -0.12 4.16
C28 A1AEJ H . 18.10 0.31 3.29
C29 A1AEJ H . 19.44 0.25 3.65
C30 A1AEJ H . 19.81 -0.25 4.90
C31 A1AEJ H . 18.83 -0.69 5.78
N03 A1AEJ H . 16.04 -3.31 -0.98
N13 A1AEJ H . 10.44 -1.04 2.06
N14 A1AEJ H . 9.50 -0.07 2.11
N15 A1AEJ H . 9.96 0.99 1.49
N16 A1AEJ H . 11.19 0.75 0.99
N17 A1AEJ H . 16.43 -3.24 4.22
O09 A1AEJ H . 17.90 -4.30 2.02
O23 A1AEJ H . 16.55 -7.26 7.59
O24 A1AEJ H . 17.87 -7.35 5.87
O25 A1AEJ H . 16.49 -1.06 6.30
C1 GOL I . -4.04 -1.15 -13.10
O1 GOL I . -4.69 -2.39 -13.13
C2 GOL I . -3.88 -0.72 -14.57
O2 GOL I . -4.81 -1.30 -15.40
C3 GOL I . -3.96 0.83 -14.57
O3 GOL I . -3.89 1.17 -15.92
C1 GOL J . -0.42 0.16 -8.43
O1 GOL J . -1.50 0.61 -9.23
C2 GOL J . -0.87 0.19 -6.92
O2 GOL J . -0.30 -0.84 -6.20
C3 GOL J . -0.36 1.58 -6.35
O3 GOL J . 0.51 1.29 -5.29
C1 GOL K . 34.33 -12.09 22.48
O1 GOL K . 35.58 -11.51 22.39
C2 GOL K . 33.87 -11.89 23.94
O2 GOL K . 34.93 -12.10 24.84
C3 GOL K . 32.69 -12.90 24.12
O3 GOL K . 31.77 -12.35 25.01
P PO4 L . -1.04 8.86 -17.31
O1 PO4 L . -1.21 9.83 -18.48
O2 PO4 L . -2.04 7.73 -17.44
O3 PO4 L . -1.30 9.60 -16.00
O4 PO4 L . 0.37 8.27 -17.29
#